data_1R30
#
_entry.id   1R30
#
_cell.length_a   155.690
_cell.length_b   155.690
_cell.length_c   90.880
_cell.angle_alpha   90.00
_cell.angle_beta   90.00
_cell.angle_gamma   120.00
#
_symmetry.space_group_name_H-M   'P 31 2 1'
#
loop_
_entity.id
_entity.type
_entity.pdbx_description
1 polymer 'Biotin synthase'
2 non-polymer S-ADENOSYLMETHIONINE
3 non-polymer 'IRON/SULFUR CLUSTER'
4 non-polymer 'FE2/S2 (INORGANIC) CLUSTER'
5 non-polymer '6-(5-METHYL-2-OXO-IMIDAZOLIDIN-4-YL)-HEXANOIC ACID'
6 non-polymer 2-AMINO-2-HYDROXYMETHYL-PROPANE-1,3-DIOL
#
_entity_poly.entity_id   1
_entity_poly.type   'polypeptide(L)'
_entity_poly.pdbx_seq_one_letter_code
;GSSHHHHHHDYDIPTTENLYFQGSAHRPRWTLSQVTELFEKPLLDLLFEAQQVHRQHFDPRQVQVSTLLSIKTGACPEDC
KYCPQSSRYKTGLEAERLMEVEQVLESARKAKAAGSTRFCMGAAWKNPHERDMPYLEQMVQGVKAMGLEACMTLGTLSES
QAQRLANAGLDYYNHNLDTSPEFYGNIITTRTYQERLDTLEKVRDAGIKVCSGGIVGLGETVKDRAGLLLQLANLPTPPE
SVPINMLVKVKGTPLADNDDVDAFDFIRTIAVARIMMPTSYVRLSAGREQMNEQTQAMCFMAGANSIFYGCKLLTTPNPE
EDKDLQLFRKLGLNPQQTAVLAGDNEQQQRLEQALMTPDTDEYYNAAAL
;
_entity_poly.pdbx_strand_id   A,B
#
loop_
_chem_comp.id
_chem_comp.type
_chem_comp.name
_chem_comp.formula
DTB non-polymer '6-(5-METHYL-2-OXO-IMIDAZOLIDIN-4-YL)-HEXANOIC ACID' 'C10 H18 N2 O3'
FES non-polymer 'FE2/S2 (INORGANIC) CLUSTER' 'Fe2 S2'
SAM non-polymer S-ADENOSYLMETHIONINE 'C15 H22 N6 O5 S'
SF4 non-polymer 'IRON/SULFUR CLUSTER' 'Fe4 S4'
TRS non-polymer 2-AMINO-2-HYDROXYMETHYL-PROPANE-1,3-DIOL 'C4 H12 N O3 1'
#
# COMPACT_ATOMS: atom_id res chain seq x y z
N ARG A 27 2.36 11.17 34.19
CA ARG A 27 1.64 10.15 33.38
C ARG A 27 2.60 9.06 32.90
N PRO A 28 2.08 7.83 32.65
CA PRO A 28 2.91 6.72 32.19
C PRO A 28 3.62 6.96 30.86
N ARG A 29 4.84 6.45 30.74
CA ARG A 29 5.65 6.63 29.55
C ARG A 29 5.77 5.35 28.72
N TRP A 30 6.96 5.13 28.18
CA TRP A 30 7.25 3.95 27.36
C TRP A 30 8.64 3.43 27.66
N THR A 31 8.77 2.13 27.86
CA THR A 31 10.08 1.55 28.11
C THR A 31 10.63 1.31 26.73
N LEU A 32 11.92 0.99 26.62
CA LEU A 32 12.47 0.73 25.30
C LEU A 32 12.14 -0.68 24.86
N SER A 33 12.29 -1.63 25.76
CA SER A 33 11.98 -3.02 25.44
C SER A 33 10.47 -3.14 25.25
N GLN A 34 9.79 -2.00 25.32
CA GLN A 34 8.34 -1.94 25.16
C GLN A 34 8.00 -1.40 23.77
N VAL A 35 8.96 -0.68 23.20
CA VAL A 35 8.78 -0.11 21.88
C VAL A 35 9.41 -1.02 20.86
N THR A 36 10.53 -1.64 21.23
CA THR A 36 11.18 -2.55 20.30
C THR A 36 10.15 -3.63 19.99
N GLU A 37 9.25 -3.89 20.93
CA GLU A 37 8.20 -4.89 20.74
C GLU A 37 7.45 -4.60 19.43
N LEU A 38 7.07 -3.34 19.25
CA LEU A 38 6.34 -2.91 18.06
C LEU A 38 7.15 -3.13 16.80
N PHE A 39 8.31 -2.51 16.71
CA PHE A 39 9.16 -2.69 15.54
C PHE A 39 9.36 -4.15 15.19
N GLU A 40 9.02 -5.05 16.11
CA GLU A 40 9.15 -6.47 15.84
C GLU A 40 7.82 -7.08 15.46
N LYS A 41 6.72 -6.46 15.89
CA LYS A 41 5.37 -6.95 15.60
C LYS A 41 5.12 -7.17 14.11
N PRO A 42 4.35 -8.21 13.75
CA PRO A 42 4.00 -8.55 12.36
C PRO A 42 3.38 -7.38 11.61
N LEU A 43 4.22 -6.68 10.86
CA LEU A 43 3.83 -5.49 10.11
C LEU A 43 2.34 -5.26 9.92
N LEU A 44 1.71 -6.12 9.14
CA LEU A 44 0.29 -6.00 8.89
C LEU A 44 -0.47 -5.74 10.18
N ASP A 45 -0.34 -6.65 11.14
CA ASP A 45 -1.02 -6.52 12.41
C ASP A 45 -0.72 -5.17 13.05
N LEU A 46 0.53 -4.75 12.98
CA LEU A 46 0.87 -3.46 13.54
C LEU A 46 0.01 -2.39 12.85
N LEU A 47 -0.02 -2.44 11.53
CA LEU A 47 -0.81 -1.50 10.74
C LEU A 47 -2.24 -1.43 11.21
N PHE A 48 -2.78 -2.58 11.59
CA PHE A 48 -4.14 -2.62 12.06
C PHE A 48 -4.30 -1.79 13.31
N GLU A 49 -3.51 -2.12 14.33
CA GLU A 49 -3.58 -1.40 15.61
C GLU A 49 -3.45 0.07 15.30
N ALA A 50 -2.49 0.36 14.44
CA ALA A 50 -2.25 1.72 14.02
C ALA A 50 -3.58 2.40 13.73
N GLN A 51 -4.25 1.94 12.68
CA GLN A 51 -5.53 2.49 12.26
C GLN A 51 -6.47 2.52 13.43
N GLN A 52 -6.57 1.37 14.11
CA GLN A 52 -7.44 1.26 15.25
C GLN A 52 -7.26 2.48 16.11
N VAL A 53 -6.01 2.78 16.44
CA VAL A 53 -5.71 3.91 17.28
C VAL A 53 -6.11 5.20 16.61
N HIS A 54 -5.50 5.45 15.45
CA HIS A 54 -5.76 6.68 14.71
C HIS A 54 -7.22 7.10 14.68
N ARG A 55 -8.10 6.14 14.37
CA ARG A 55 -9.52 6.41 14.27
C ARG A 55 -10.12 6.82 15.60
N GLN A 56 -9.48 6.43 16.70
CA GLN A 56 -10.00 6.79 18.00
C GLN A 56 -9.62 8.20 18.43
N HIS A 57 -8.67 8.81 17.75
CA HIS A 57 -8.26 10.16 18.12
C HIS A 57 -8.35 11.16 16.97
N PHE A 58 -8.46 10.69 15.74
CA PHE A 58 -8.53 11.62 14.62
C PHE A 58 -9.67 11.34 13.65
N ASP A 59 -9.96 12.31 12.80
CA ASP A 59 -10.98 12.10 11.80
C ASP A 59 -10.22 11.55 10.61
N PRO A 60 -10.32 10.24 10.35
CA PRO A 60 -9.58 9.74 9.19
C PRO A 60 -10.05 10.48 7.95
N ARG A 61 -9.63 10.02 6.77
CA ARG A 61 -10.02 10.71 5.54
C ARG A 61 -9.81 12.24 5.60
N GLN A 62 -9.24 12.71 6.71
CA GLN A 62 -8.95 14.13 6.88
C GLN A 62 -7.44 14.27 7.14
N VAL A 63 -6.76 15.04 6.27
CA VAL A 63 -5.31 15.24 6.38
C VAL A 63 -4.91 16.70 6.50
N GLN A 64 -3.84 16.96 7.27
CA GLN A 64 -3.31 18.30 7.48
C GLN A 64 -2.37 18.73 6.37
N VAL A 65 -2.62 19.92 5.82
CA VAL A 65 -1.81 20.44 4.73
C VAL A 65 -1.04 21.74 5.03
N SER A 66 0.28 21.59 5.14
CA SER A 66 1.17 22.70 5.40
C SER A 66 2.15 22.86 4.23
N THR A 67 2.34 24.09 3.79
CA THR A 67 3.26 24.35 2.70
C THR A 67 4.33 25.25 3.29
N LEU A 68 5.59 25.00 2.93
CA LEU A 68 6.69 25.78 3.48
C LEU A 68 7.62 26.29 2.40
N LEU A 69 8.48 27.24 2.79
CA LEU A 69 9.46 27.80 1.88
C LEU A 69 10.69 28.06 2.73
N SER A 70 11.79 28.40 2.08
CA SER A 70 13.01 28.67 2.81
C SER A 70 13.23 30.16 2.93
N ILE A 71 12.80 30.71 4.05
CA ILE A 71 12.96 32.14 4.32
C ILE A 71 14.40 32.56 3.98
N LYS A 72 15.35 31.67 4.27
CA LYS A 72 16.77 31.89 3.98
C LYS A 72 17.45 30.55 3.78
N THR A 73 18.06 30.37 2.62
CA THR A 73 18.71 29.10 2.29
C THR A 73 20.16 29.17 1.86
N GLY A 74 20.88 28.08 2.03
CA GLY A 74 22.27 28.05 1.60
C GLY A 74 23.37 27.87 2.61
N ALA A 75 24.27 28.85 2.64
CA ALA A 75 25.42 28.82 3.55
C ALA A 75 25.06 28.47 4.98
N CYS A 76 25.19 27.20 5.34
CA CYS A 76 24.89 26.82 6.72
C CYS A 76 26.08 26.26 7.47
N PRO A 77 26.27 26.76 8.70
CA PRO A 77 27.33 26.40 9.63
C PRO A 77 27.40 24.93 9.99
N GLU A 78 26.32 24.39 10.54
CA GLU A 78 26.28 22.99 10.98
C GLU A 78 26.75 21.98 9.92
N ASP A 79 26.90 20.72 10.33
CA ASP A 79 27.39 19.70 9.41
C ASP A 79 26.54 18.44 9.29
N CYS A 80 25.24 18.58 9.08
CA CYS A 80 24.40 17.39 8.98
C CYS A 80 24.71 16.54 7.76
N LYS A 81 25.14 15.31 8.01
CA LYS A 81 25.50 14.35 6.97
C LYS A 81 24.44 14.16 5.89
N TYR A 82 23.23 14.63 6.15
CA TYR A 82 22.14 14.45 5.21
C TYR A 82 21.66 15.68 4.46
N CYS A 83 21.73 16.83 5.11
CA CYS A 83 21.27 18.08 4.54
C CYS A 83 22.06 18.59 3.35
N PRO A 84 21.38 19.20 2.38
CA PRO A 84 22.05 19.72 1.19
C PRO A 84 22.43 21.19 1.34
N GLN A 85 22.04 21.81 2.45
CA GLN A 85 22.38 23.22 2.62
C GLN A 85 23.70 23.41 3.38
N SER A 86 24.13 22.39 4.09
CA SER A 86 25.37 22.45 4.86
C SER A 86 26.55 23.00 4.07
N SER A 87 27.07 24.15 4.51
CA SER A 87 28.19 24.77 3.83
C SER A 87 29.39 23.82 3.78
N ARG A 88 29.30 22.71 4.52
CA ARG A 88 30.37 21.73 4.58
C ARG A 88 30.47 20.81 3.37
N TYR A 89 29.51 20.89 2.45
CA TYR A 89 29.56 20.00 1.29
C TYR A 89 29.30 20.60 -0.08
N LYS A 90 29.57 19.80 -1.11
CA LYS A 90 29.37 20.21 -2.50
C LYS A 90 27.90 20.53 -2.74
N THR A 91 27.16 19.55 -3.26
CA THR A 91 25.73 19.69 -3.53
C THR A 91 25.34 20.94 -4.31
N GLY A 92 26.33 21.62 -4.90
CA GLY A 92 26.06 22.82 -5.68
C GLY A 92 24.68 23.42 -5.50
N LEU A 93 24.49 24.15 -4.41
CA LEU A 93 23.21 24.79 -4.13
C LEU A 93 23.31 26.31 -4.26
N GLU A 94 22.49 26.87 -5.14
CA GLU A 94 22.47 28.31 -5.36
C GLU A 94 22.14 28.98 -4.03
N ALA A 95 23.19 29.40 -3.33
CA ALA A 95 23.02 30.06 -2.04
C ALA A 95 22.32 31.42 -2.15
N GLU A 96 21.15 31.53 -1.53
CA GLU A 96 20.36 32.77 -1.57
C GLU A 96 20.41 33.40 -0.18
N ARG A 97 20.11 34.70 -0.09
CA ARG A 97 20.12 35.40 1.19
C ARG A 97 18.70 35.75 1.66
N LEU A 98 18.49 35.76 2.97
CA LEU A 98 17.16 36.04 3.55
C LEU A 98 16.34 37.00 2.70
N MET A 99 15.13 36.58 2.36
CA MET A 99 14.24 37.40 1.52
C MET A 99 13.43 38.41 2.30
N GLU A 100 13.15 39.54 1.65
CA GLU A 100 12.39 40.62 2.28
C GLU A 100 11.04 40.13 2.75
N VAL A 101 10.43 40.86 3.68
CA VAL A 101 9.13 40.48 4.23
C VAL A 101 8.09 40.33 3.14
N GLU A 102 8.20 41.15 2.10
CA GLU A 102 7.27 41.06 0.98
C GLU A 102 7.44 39.71 0.32
N GLN A 103 8.62 39.46 -0.21
CA GLN A 103 8.94 38.21 -0.88
C GLN A 103 8.33 36.98 -0.17
N VAL A 104 8.33 37.01 1.16
CA VAL A 104 7.79 35.91 1.96
C VAL A 104 6.28 35.94 1.87
N LEU A 105 5.68 37.01 2.39
CA LEU A 105 4.24 37.16 2.36
C LEU A 105 3.72 36.92 0.95
N GLU A 106 4.55 37.23 -0.03
CA GLU A 106 4.18 36.99 -1.41
C GLU A 106 3.90 35.50 -1.51
N SER A 107 4.96 34.70 -1.46
CA SER A 107 4.85 33.25 -1.55
C SER A 107 3.83 32.70 -0.55
N ALA A 108 3.72 33.38 0.58
CA ALA A 108 2.79 32.95 1.61
C ALA A 108 1.39 33.01 1.06
N ARG A 109 1.09 34.07 0.35
CA ARG A 109 -0.24 34.30 -0.23
C ARG A 109 -0.55 33.23 -1.26
N LYS A 110 0.28 33.12 -2.29
CA LYS A 110 0.06 32.13 -3.34
C LYS A 110 -0.20 30.76 -2.72
N ALA A 111 0.34 30.55 -1.53
CA ALA A 111 0.18 29.28 -0.85
C ALA A 111 -1.14 29.19 -0.08
N LYS A 112 -1.64 30.33 0.39
CA LYS A 112 -2.90 30.35 1.11
C LYS A 112 -3.96 30.04 0.08
N ALA A 113 -3.98 30.86 -0.96
CA ALA A 113 -4.92 30.70 -2.06
C ALA A 113 -4.73 29.30 -2.63
N ALA A 114 -3.48 28.85 -2.69
CA ALA A 114 -3.16 27.52 -3.21
C ALA A 114 -3.92 26.48 -2.39
N GLY A 115 -4.40 26.88 -1.22
CA GLY A 115 -5.17 25.97 -0.39
C GLY A 115 -4.56 25.44 0.88
N SER A 116 -3.30 25.77 1.14
CA SER A 116 -2.66 25.26 2.36
C SER A 116 -3.16 25.96 3.62
N THR A 117 -3.08 25.26 4.74
CA THR A 117 -3.57 25.81 6.01
C THR A 117 -2.49 26.51 6.84
N ARG A 118 -1.31 25.89 6.89
CA ARG A 118 -0.19 26.38 7.69
C ARG A 118 1.03 26.74 6.82
N PHE A 119 1.65 27.87 7.13
CA PHE A 119 2.82 28.28 6.37
C PHE A 119 4.06 28.03 7.22
N CYS A 120 5.10 27.46 6.61
CA CYS A 120 6.32 27.16 7.36
C CYS A 120 7.61 27.77 6.83
N MET A 121 8.05 28.88 7.43
CA MET A 121 9.30 29.49 6.98
C MET A 121 10.48 28.73 7.61
N GLY A 122 11.54 28.52 6.83
CA GLY A 122 12.69 27.80 7.34
C GLY A 122 14.03 28.41 6.95
N ALA A 123 14.77 28.86 7.96
CA ALA A 123 16.07 29.48 7.75
C ALA A 123 17.16 28.43 7.85
N ALA A 124 18.29 28.70 7.22
CA ALA A 124 19.38 27.75 7.26
C ALA A 124 20.39 28.21 8.28
N TRP A 125 19.95 28.48 9.49
CA TRP A 125 20.85 28.96 10.54
C TRP A 125 21.10 27.97 11.65
N LYS A 126 21.95 28.36 12.59
CA LYS A 126 22.24 27.53 13.75
C LYS A 126 21.25 28.08 14.74
N ASN A 127 21.28 29.41 14.83
CA ASN A 127 20.37 30.16 15.69
C ASN A 127 20.12 31.52 15.04
N PRO A 128 18.92 32.07 15.24
CA PRO A 128 18.62 33.37 14.64
C PRO A 128 19.50 34.45 15.26
N HIS A 129 19.55 35.63 14.65
CA HIS A 129 20.34 36.75 15.18
C HIS A 129 19.40 37.88 15.60
N GLU A 130 19.79 38.62 16.64
CA GLU A 130 18.95 39.71 17.12
C GLU A 130 18.58 40.67 16.00
N ARG A 131 19.49 40.88 15.07
CA ARG A 131 19.19 41.77 13.96
C ARG A 131 18.04 41.18 13.14
N ASP A 132 17.97 39.85 13.07
CA ASP A 132 16.92 39.16 12.33
C ASP A 132 15.53 39.44 12.90
N MET A 133 15.33 39.02 14.15
CA MET A 133 14.06 39.16 14.84
C MET A 133 13.04 40.16 14.32
N PRO A 134 13.40 41.45 14.19
CA PRO A 134 12.42 42.41 13.70
C PRO A 134 11.75 41.94 12.40
N TYR A 135 12.54 41.33 11.54
CA TYR A 135 12.04 40.85 10.26
C TYR A 135 11.30 39.55 10.46
N LEU A 136 11.91 38.61 11.18
CA LEU A 136 11.24 37.35 11.44
C LEU A 136 9.89 37.68 12.06
N GLU A 137 9.90 38.59 13.03
CA GLU A 137 8.67 39.02 13.71
C GLU A 137 7.70 39.55 12.67
N GLN A 138 8.18 40.51 11.89
CA GLN A 138 7.35 41.14 10.88
C GLN A 138 6.72 40.12 9.94
N MET A 139 7.45 39.03 9.67
CA MET A 139 6.93 37.98 8.80
C MET A 139 5.75 37.28 9.44
N VAL A 140 5.94 36.78 10.64
CA VAL A 140 4.85 36.11 11.35
C VAL A 140 3.62 37.01 11.33
N GLN A 141 3.83 38.31 11.51
CA GLN A 141 2.72 39.26 11.50
C GLN A 141 1.87 39.00 10.26
N GLY A 142 2.43 39.34 9.10
CA GLY A 142 1.72 39.16 7.85
C GLY A 142 1.10 37.78 7.65
N VAL A 143 1.87 36.73 7.92
CA VAL A 143 1.36 35.38 7.75
C VAL A 143 0.20 35.11 8.69
N LYS A 144 0.28 35.62 9.91
CA LYS A 144 -0.77 35.38 10.88
C LYS A 144 -2.05 36.12 10.52
N ALA A 145 -1.90 37.35 10.03
CA ALA A 145 -3.06 38.16 9.65
C ALA A 145 -3.61 37.70 8.32
N MET A 146 -2.72 37.22 7.46
CA MET A 146 -3.12 36.75 6.15
C MET A 146 -4.20 35.67 6.25
N GLY A 147 -4.36 35.11 7.44
CA GLY A 147 -5.38 34.10 7.64
C GLY A 147 -4.93 32.69 7.89
N LEU A 148 -3.65 32.39 7.66
CA LEU A 148 -3.16 31.04 7.87
C LEU A 148 -2.25 30.86 9.09
N GLU A 149 -1.94 29.60 9.40
CA GLU A 149 -1.09 29.30 10.53
C GLU A 149 0.35 29.66 10.18
N ALA A 150 1.07 30.10 11.20
CA ALA A 150 2.46 30.49 11.05
C ALA A 150 3.38 29.63 11.92
N CYS A 151 4.37 29.03 11.27
CA CYS A 151 5.34 28.18 11.92
C CYS A 151 6.66 28.30 11.22
N MET A 152 7.70 28.66 11.96
CA MET A 152 9.01 28.74 11.34
C MET A 152 10.04 27.91 12.11
N THR A 153 11.09 27.54 11.39
CA THR A 153 12.18 26.76 11.95
C THR A 153 13.45 27.57 11.68
N LEU A 154 13.99 28.13 12.74
CA LEU A 154 15.15 28.98 12.65
C LEU A 154 16.34 28.39 13.41
N GLY A 155 16.19 27.17 13.90
CA GLY A 155 17.27 26.57 14.62
C GLY A 155 17.07 26.69 16.12
N THR A 156 18.16 26.92 16.85
CA THR A 156 18.10 27.03 18.31
C THR A 156 17.78 28.44 18.74
N LEU A 157 16.52 28.74 19.00
CA LEU A 157 16.19 30.09 19.44
C LEU A 157 16.32 30.06 20.95
N SER A 158 16.36 31.24 21.57
CA SER A 158 16.52 31.34 23.01
C SER A 158 15.41 32.12 23.69
N GLU A 159 15.06 31.68 24.91
CA GLU A 159 14.00 32.26 25.74
C GLU A 159 13.50 33.61 25.28
N SER A 160 14.42 34.51 24.97
CA SER A 160 14.05 35.84 24.50
C SER A 160 13.35 35.76 23.14
N GLN A 161 14.08 35.23 22.16
CA GLN A 161 13.58 35.08 20.80
C GLN A 161 12.22 34.40 20.75
N ALA A 162 12.10 33.30 21.49
CA ALA A 162 10.85 32.55 21.53
C ALA A 162 9.68 33.48 21.88
N GLN A 163 9.73 33.99 23.11
CA GLN A 163 8.70 34.88 23.63
C GLN A 163 8.40 36.01 22.65
N ARG A 164 9.38 36.35 21.83
CA ARG A 164 9.20 37.42 20.85
C ARG A 164 8.39 36.87 19.68
N LEU A 165 8.79 35.71 19.17
CA LEU A 165 8.08 35.06 18.07
C LEU A 165 6.65 34.78 18.49
N ALA A 166 6.49 34.25 19.69
CA ALA A 166 5.17 33.94 20.21
C ALA A 166 4.32 35.21 20.23
N ASN A 167 4.84 36.28 20.81
CA ASN A 167 4.11 37.54 20.90
C ASN A 167 3.69 38.03 19.52
N ALA A 168 4.51 37.75 18.51
CA ALA A 168 4.20 38.16 17.15
C ALA A 168 3.07 37.33 16.58
N GLY A 169 3.07 36.04 16.93
CA GLY A 169 2.03 35.15 16.45
C GLY A 169 2.42 33.69 16.39
N LEU A 170 3.50 33.39 15.67
CA LEU A 170 3.99 32.02 15.49
C LEU A 170 3.20 30.98 16.26
N ASP A 171 2.55 30.08 15.52
CA ASP A 171 1.74 29.03 16.12
C ASP A 171 2.54 27.75 16.37
N TYR A 172 3.59 27.54 15.58
CA TYR A 172 4.42 26.36 15.72
C TYR A 172 5.91 26.67 15.56
N TYR A 173 6.75 25.78 16.08
CA TYR A 173 8.18 25.90 15.93
C TYR A 173 8.69 24.49 15.63
N ASN A 174 9.57 24.41 14.63
CA ASN A 174 10.14 23.14 14.23
C ASN A 174 11.53 22.95 14.83
N HIS A 175 11.81 21.72 15.27
CA HIS A 175 13.10 21.38 15.86
C HIS A 175 13.15 19.86 15.99
N ASN A 176 13.89 19.22 15.10
CA ASN A 176 13.95 17.76 15.09
C ASN A 176 15.07 17.11 15.90
N LEU A 177 14.86 15.85 16.25
CA LEU A 177 15.84 15.08 17.01
C LEU A 177 16.55 14.13 16.06
N ASP A 178 16.04 14.05 14.83
CA ASP A 178 16.63 13.21 13.78
C ASP A 178 16.81 11.72 14.07
N THR A 179 17.32 11.36 15.25
CA THR A 179 17.49 9.97 15.61
C THR A 179 17.72 9.75 17.08
N SER A 180 18.23 8.57 17.39
CA SER A 180 18.52 8.20 18.76
C SER A 180 19.67 9.08 19.23
N PRO A 181 19.70 9.38 20.54
CA PRO A 181 20.80 10.22 21.02
C PRO A 181 22.09 9.44 20.78
N GLU A 182 22.00 8.12 20.92
CA GLU A 182 23.12 7.22 20.74
C GLU A 182 23.58 7.08 19.30
N PHE A 183 23.12 7.97 18.43
CA PHE A 183 23.49 7.92 17.02
C PHE A 183 23.66 9.33 16.45
N TYR A 184 23.02 10.28 17.12
CA TYR A 184 23.07 11.68 16.71
C TYR A 184 24.49 12.01 16.28
N GLY A 185 25.45 11.44 17.01
CA GLY A 185 26.85 11.69 16.71
C GLY A 185 27.32 11.35 15.31
N ASN A 186 26.86 10.23 14.78
CA ASN A 186 27.28 9.82 13.44
C ASN A 186 26.72 10.70 12.34
N ILE A 187 25.65 11.44 12.66
CA ILE A 187 25.02 12.30 11.68
C ILE A 187 25.34 13.78 11.89
N ILE A 188 25.02 14.27 13.08
CA ILE A 188 25.25 15.66 13.44
C ILE A 188 26.27 15.74 14.55
N THR A 189 27.13 16.75 14.49
CA THR A 189 28.18 16.92 15.50
C THR A 189 28.22 18.34 16.07
N THR A 190 27.93 19.31 15.22
CA THR A 190 27.95 20.71 15.62
C THR A 190 26.89 21.11 16.67
N ARG A 191 26.18 20.12 17.23
CA ARG A 191 25.16 20.42 18.22
C ARG A 191 25.03 19.29 19.23
N THR A 192 24.56 19.63 20.43
CA THR A 192 24.39 18.64 21.47
C THR A 192 22.99 18.08 21.32
N TYR A 193 22.84 16.77 21.36
CA TYR A 193 21.51 16.21 21.23
C TYR A 193 20.66 16.98 22.22
N GLN A 194 21.15 17.09 23.45
CA GLN A 194 20.48 17.82 24.51
C GLN A 194 20.15 19.24 24.08
N GLU A 195 21.15 19.88 23.47
CA GLU A 195 21.03 21.25 23.01
C GLU A 195 19.70 21.54 22.34
N ARG A 196 19.13 20.52 21.70
CA ARG A 196 17.85 20.67 21.01
C ARG A 196 16.70 20.56 22.01
N LEU A 197 16.68 19.47 22.76
CA LEU A 197 15.64 19.26 23.77
C LEU A 197 15.41 20.60 24.46
N ASP A 198 16.51 21.25 24.82
CA ASP A 198 16.45 22.53 25.51
C ASP A 198 15.61 23.52 24.73
N THR A 199 15.82 23.56 23.42
CA THR A 199 15.09 24.49 22.58
C THR A 199 13.59 24.21 22.56
N LEU A 200 13.22 22.93 22.52
CA LEU A 200 11.80 22.61 22.51
C LEU A 200 11.16 23.25 23.71
N GLU A 201 11.60 22.84 24.89
CA GLU A 201 11.05 23.40 26.12
C GLU A 201 11.00 24.92 26.09
N LYS A 202 12.01 25.55 25.52
CA LYS A 202 11.99 27.01 25.46
C LYS A 202 10.75 27.46 24.71
N VAL A 203 10.44 26.72 23.65
CA VAL A 203 9.29 26.99 22.81
C VAL A 203 8.01 26.59 23.54
N ARG A 204 8.07 25.46 24.25
CA ARG A 204 6.93 24.96 25.01
C ARG A 204 6.44 26.11 25.89
N ASP A 205 7.26 26.41 26.90
CA ASP A 205 7.02 27.46 27.88
C ASP A 205 6.71 28.77 27.18
N ALA A 206 7.24 28.93 25.98
CA ALA A 206 7.02 30.15 25.22
C ALA A 206 5.53 30.29 24.90
N GLY A 207 4.84 29.15 24.82
CA GLY A 207 3.43 29.17 24.50
C GLY A 207 3.25 28.96 23.01
N ILE A 208 4.06 28.08 22.44
CA ILE A 208 4.02 27.79 21.02
C ILE A 208 3.99 26.28 20.81
N LYS A 209 3.32 25.85 19.75
CA LYS A 209 3.23 24.43 19.47
C LYS A 209 4.53 23.86 18.94
N VAL A 210 4.90 22.71 19.47
CA VAL A 210 6.12 22.04 19.10
C VAL A 210 6.01 21.03 17.98
N CYS A 211 6.78 21.23 16.92
CA CYS A 211 6.78 20.27 15.81
C CYS A 211 8.17 19.66 15.84
N SER A 212 8.27 18.41 16.31
CA SER A 212 9.54 17.73 16.38
C SER A 212 9.49 16.34 15.77
N GLY A 213 10.52 15.99 15.01
CA GLY A 213 10.52 14.67 14.40
C GLY A 213 11.90 14.25 13.97
N GLY A 214 11.96 13.24 13.09
CA GLY A 214 13.24 12.77 12.64
C GLY A 214 13.31 12.33 11.19
N ILE A 215 14.40 11.65 10.84
CA ILE A 215 14.63 11.16 9.51
C ILE A 215 14.84 9.68 9.59
N VAL A 216 14.54 8.97 8.51
CA VAL A 216 14.72 7.54 8.49
C VAL A 216 15.67 7.12 7.40
N GLY A 217 16.55 6.17 7.72
CA GLY A 217 17.51 5.69 6.73
C GLY A 217 18.79 6.50 6.60
N LEU A 218 19.24 7.05 7.72
CA LEU A 218 20.45 7.83 7.76
C LEU A 218 21.59 6.85 7.88
N GLY A 219 21.27 5.71 8.49
CA GLY A 219 22.24 4.66 8.72
C GLY A 219 21.74 3.97 9.98
N GLU A 220 20.87 4.69 10.67
CA GLU A 220 20.20 4.26 11.90
C GLU A 220 19.75 2.80 11.81
N THR A 221 19.42 2.21 12.96
CA THR A 221 18.93 0.83 12.99
C THR A 221 17.59 0.83 13.68
N VAL A 222 16.88 -0.28 13.54
CA VAL A 222 15.56 -0.44 14.15
C VAL A 222 15.59 0.13 15.57
N LYS A 223 16.65 -0.20 16.30
CA LYS A 223 16.81 0.25 17.67
C LYS A 223 16.90 1.77 17.71
N ASP A 224 17.76 2.33 16.87
CA ASP A 224 17.92 3.78 16.84
C ASP A 224 16.57 4.48 16.66
N ARG A 225 15.88 4.15 15.57
CA ARG A 225 14.57 4.74 15.31
C ARG A 225 13.75 4.64 16.58
N ALA A 226 13.65 3.43 17.11
CA ALA A 226 12.90 3.21 18.33
C ALA A 226 13.25 4.32 19.31
N GLY A 227 14.55 4.41 19.59
CA GLY A 227 15.03 5.42 20.51
C GLY A 227 14.51 6.80 20.21
N LEU A 228 14.41 7.15 18.92
CA LEU A 228 13.93 8.46 18.54
C LEU A 228 12.51 8.66 19.03
N LEU A 229 11.56 7.87 18.55
CA LEU A 229 10.18 8.03 19.00
C LEU A 229 10.19 8.03 20.52
N LEU A 230 10.72 6.94 21.06
CA LEU A 230 10.83 6.72 22.49
C LEU A 230 11.29 7.98 23.19
N GLN A 231 12.05 8.79 22.46
CA GLN A 231 12.58 10.04 22.96
C GLN A 231 11.51 11.13 23.03
N LEU A 232 11.16 11.70 21.88
CA LEU A 232 10.18 12.76 21.84
C LEU A 232 8.80 12.27 22.30
N ALA A 233 8.72 11.00 22.67
CA ALA A 233 7.46 10.41 23.12
C ALA A 233 7.34 10.54 24.64
N ASN A 234 8.46 10.37 25.32
CA ASN A 234 8.53 10.47 26.77
C ASN A 234 8.98 11.87 27.13
N LEU A 235 8.20 12.86 26.72
CA LEU A 235 8.55 14.24 27.01
C LEU A 235 7.45 14.83 27.88
N PRO A 236 7.67 16.04 28.42
CA PRO A 236 6.66 16.68 29.27
C PRO A 236 5.29 16.58 28.59
N THR A 237 5.28 16.93 27.31
CA THR A 237 4.07 16.88 26.51
C THR A 237 4.49 16.74 25.06
N PRO A 238 4.54 15.50 24.56
CA PRO A 238 4.94 15.18 23.18
C PRO A 238 4.45 16.22 22.17
N PRO A 239 5.22 16.40 21.09
CA PRO A 239 4.91 17.36 20.02
C PRO A 239 3.57 17.16 19.35
N GLU A 240 2.91 18.27 19.04
CA GLU A 240 1.61 18.24 18.39
C GLU A 240 1.84 17.58 17.05
N SER A 241 2.80 18.09 16.29
CA SER A 241 3.13 17.53 14.99
C SER A 241 4.44 16.76 15.08
N VAL A 242 4.45 15.56 14.51
CA VAL A 242 5.63 14.71 14.53
C VAL A 242 6.00 14.26 13.14
N PRO A 243 6.80 15.08 12.44
CA PRO A 243 7.20 14.73 11.08
C PRO A 243 8.11 13.54 11.03
N ILE A 244 8.01 12.78 9.95
CA ILE A 244 8.89 11.64 9.78
C ILE A 244 9.37 11.68 8.35
N ASN A 245 10.55 12.25 8.14
CA ASN A 245 11.12 12.37 6.82
C ASN A 245 11.86 11.12 6.46
N MET A 246 11.90 10.83 5.16
CA MET A 246 12.65 9.67 4.69
C MET A 246 13.87 10.36 4.12
N LEU A 247 15.05 9.77 4.31
CA LEU A 247 16.28 10.40 3.82
C LEU A 247 16.30 10.75 2.33
N VAL A 248 16.65 12.00 2.06
CA VAL A 248 16.74 12.49 0.68
C VAL A 248 18.20 12.50 0.31
N LYS A 249 18.67 11.42 -0.30
CA LYS A 249 20.07 11.35 -0.69
C LYS A 249 20.39 12.47 -1.68
N VAL A 250 21.43 13.24 -1.39
CA VAL A 250 21.82 14.33 -2.27
C VAL A 250 23.31 14.26 -2.60
N LYS A 251 23.65 14.18 -3.89
CA LYS A 251 25.05 14.11 -4.29
C LYS A 251 25.83 15.20 -3.58
N GLY A 252 26.81 14.78 -2.80
CA GLY A 252 27.60 15.72 -2.04
C GLY A 252 27.55 15.35 -0.58
N THR A 253 26.36 15.36 0.00
CA THR A 253 26.20 14.99 1.40
C THR A 253 26.84 13.63 1.58
N PRO A 254 27.51 13.41 2.72
CA PRO A 254 28.17 12.14 3.01
C PRO A 254 27.22 10.94 3.01
N LEU A 255 25.92 11.21 3.06
CA LEU A 255 24.96 10.12 3.06
C LEU A 255 24.48 9.78 1.65
N ALA A 256 24.69 10.73 0.73
CA ALA A 256 24.30 10.56 -0.66
C ALA A 256 24.28 9.09 -1.07
N ASP A 257 25.45 8.48 -1.13
CA ASP A 257 25.54 7.08 -1.50
C ASP A 257 25.11 6.25 -0.29
N ASN A 258 23.81 6.01 -0.19
CA ASN A 258 23.25 5.21 0.91
C ASN A 258 22.26 4.18 0.41
N ASP A 259 22.03 3.15 1.22
CA ASP A 259 21.07 2.10 0.89
C ASP A 259 19.68 2.66 1.08
N ASP A 260 18.81 2.45 0.11
CA ASP A 260 17.44 2.94 0.20
C ASP A 260 16.69 2.13 1.27
N VAL A 261 15.73 2.76 1.94
CA VAL A 261 14.96 2.09 2.98
C VAL A 261 13.73 1.39 2.46
N ASP A 262 13.58 0.11 2.77
CA ASP A 262 12.42 -0.62 2.29
C ASP A 262 11.22 0.19 2.73
N ALA A 263 10.30 0.42 1.79
CA ALA A 263 9.11 1.20 2.06
C ALA A 263 8.45 0.68 3.33
N PHE A 264 8.31 -0.63 3.39
CA PHE A 264 7.67 -1.24 4.54
C PHE A 264 8.27 -0.81 5.87
N ASP A 265 9.52 -0.37 5.85
CA ASP A 265 10.14 0.06 7.11
C ASP A 265 9.83 1.52 7.36
N PHE A 266 9.73 2.32 6.31
CA PHE A 266 9.38 3.71 6.49
C PHE A 266 7.92 3.74 6.86
N ILE A 267 7.24 2.63 6.60
CA ILE A 267 5.82 2.51 6.92
C ILE A 267 5.73 2.30 8.40
N ARG A 268 6.24 1.15 8.81
CA ARG A 268 6.25 0.73 10.19
C ARG A 268 6.60 1.89 11.11
N THR A 269 7.60 2.66 10.72
CA THR A 269 8.01 3.79 11.54
C THR A 269 6.84 4.71 11.82
N ILE A 270 6.01 4.94 10.82
CA ILE A 270 4.85 5.81 11.04
C ILE A 270 3.86 5.13 11.98
N ALA A 271 3.69 3.83 11.78
CA ALA A 271 2.77 3.04 12.60
C ALA A 271 3.09 3.22 14.07
N VAL A 272 4.32 2.88 14.42
CA VAL A 272 4.76 3.02 15.79
C VAL A 272 4.45 4.44 16.29
N ALA A 273 4.96 5.44 15.59
CA ALA A 273 4.73 6.83 15.97
C ALA A 273 3.25 7.10 16.26
N ARG A 274 2.36 6.60 15.41
CA ARG A 274 0.92 6.81 15.60
C ARG A 274 0.45 6.21 16.92
N ILE A 275 0.85 4.97 17.18
CA ILE A 275 0.47 4.29 18.40
C ILE A 275 1.07 4.99 19.60
N MET A 276 2.36 5.30 19.50
CA MET A 276 3.08 5.95 20.58
C MET A 276 2.66 7.36 20.94
N MET A 277 2.00 8.08 20.06
CA MET A 277 1.59 9.42 20.40
C MET A 277 0.23 9.75 19.80
N PRO A 278 -0.79 8.98 20.19
CA PRO A 278 -2.16 9.11 19.74
C PRO A 278 -2.59 10.53 19.49
N THR A 279 -2.50 11.33 20.53
CA THR A 279 -2.90 12.73 20.42
C THR A 279 -2.10 13.54 19.39
N SER A 280 -1.07 12.94 18.78
CA SER A 280 -0.23 13.68 17.83
C SER A 280 -0.42 13.52 16.31
N TYR A 281 -0.16 14.61 15.60
CA TYR A 281 -0.25 14.62 14.15
C TYR A 281 1.04 14.03 13.56
N VAL A 282 0.94 12.92 12.87
CA VAL A 282 2.13 12.37 12.27
C VAL A 282 2.16 12.83 10.83
N ARG A 283 3.15 13.64 10.49
CA ARG A 283 3.27 14.18 9.15
C ARG A 283 4.21 13.47 8.19
N LEU A 284 3.61 12.75 7.24
CA LEU A 284 4.38 12.05 6.25
C LEU A 284 4.99 13.18 5.44
N SER A 285 6.31 13.31 5.51
CA SER A 285 6.98 14.38 4.81
C SER A 285 8.28 13.96 4.16
N ALA A 286 9.02 14.95 3.69
CA ALA A 286 10.32 14.74 3.05
C ALA A 286 10.55 13.36 2.48
N GLY A 287 10.41 13.25 1.16
CA GLY A 287 10.65 11.97 0.53
C GLY A 287 9.40 11.39 -0.08
N ARG A 288 8.28 12.07 0.08
CA ARG A 288 7.06 11.55 -0.51
C ARG A 288 7.32 11.45 -2.00
N GLU A 289 7.97 12.48 -2.55
CA GLU A 289 8.29 12.51 -3.97
C GLU A 289 8.90 11.19 -4.42
N GLN A 290 9.66 10.54 -3.54
CA GLN A 290 10.30 9.27 -3.86
C GLN A 290 9.32 8.12 -3.67
N MET A 291 8.32 8.30 -2.83
CA MET A 291 7.34 7.26 -2.57
C MET A 291 6.28 7.11 -3.64
N ASN A 292 5.74 5.90 -3.74
CA ASN A 292 4.70 5.60 -4.72
C ASN A 292 3.32 5.65 -4.08
N GLU A 293 2.30 5.84 -4.93
CA GLU A 293 0.91 5.91 -4.51
C GLU A 293 0.63 5.01 -3.31
N GLN A 294 0.60 3.70 -3.56
CA GLN A 294 0.31 2.74 -2.50
C GLN A 294 0.97 3.08 -1.17
N THR A 295 2.29 3.25 -1.19
CA THR A 295 3.01 3.56 0.02
C THR A 295 2.35 4.69 0.80
N GLN A 296 2.26 5.87 0.20
CA GLN A 296 1.62 6.97 0.89
C GLN A 296 0.29 6.48 1.47
N ALA A 297 -0.44 5.67 0.69
CA ALA A 297 -1.72 5.14 1.16
C ALA A 297 -1.46 4.38 2.45
N MET A 298 -0.55 3.41 2.37
CA MET A 298 -0.17 2.62 3.51
C MET A 298 0.10 3.60 4.65
N CYS A 299 0.93 4.61 4.38
CA CYS A 299 1.26 5.63 5.37
C CYS A 299 0.04 6.26 6.02
N PHE A 300 -0.80 6.89 5.22
CA PHE A 300 -2.00 7.51 5.78
C PHE A 300 -2.74 6.51 6.66
N MET A 301 -2.88 5.29 6.16
CA MET A 301 -3.56 4.26 6.93
C MET A 301 -2.82 4.10 8.23
N ALA A 302 -1.50 3.97 8.11
CA ALA A 302 -0.61 3.80 9.26
C ALA A 302 -0.88 4.80 10.37
N GLY A 303 -1.32 5.99 10.00
CA GLY A 303 -1.59 6.99 11.01
C GLY A 303 -1.19 8.37 10.53
N ALA A 304 -0.29 8.41 9.55
CA ALA A 304 0.19 9.66 8.98
C ALA A 304 -1.00 10.50 8.57
N ASN A 305 -1.04 11.74 9.03
CA ASN A 305 -2.16 12.58 8.67
C ASN A 305 -1.83 14.04 8.41
N SER A 306 -0.63 14.29 7.89
CA SER A 306 -0.22 15.65 7.54
C SER A 306 0.82 15.52 6.45
N ILE A 307 0.89 16.52 5.59
CA ILE A 307 1.86 16.47 4.51
C ILE A 307 2.28 17.86 4.11
N PHE A 308 3.34 17.92 3.33
CA PHE A 308 3.78 19.18 2.79
C PHE A 308 3.20 19.12 1.39
N TYR A 309 2.52 20.19 1.03
CA TYR A 309 1.82 20.30 -0.25
C TYR A 309 2.50 21.31 -1.15
N GLY A 310 2.99 20.86 -2.31
CA GLY A 310 3.65 21.78 -3.22
C GLY A 310 4.75 21.24 -4.14
N CYS A 311 5.25 22.10 -5.03
CA CYS A 311 6.30 21.71 -5.97
C CYS A 311 7.56 21.31 -5.25
N LYS A 312 7.95 22.12 -4.29
CA LYS A 312 9.15 21.86 -3.52
C LYS A 312 8.93 22.29 -2.08
N LEU A 313 9.76 21.75 -1.19
CA LEU A 313 9.67 22.08 0.22
C LEU A 313 10.77 23.08 0.56
N LEU A 314 11.94 22.58 0.97
CA LEU A 314 13.03 23.47 1.29
C LEU A 314 14.01 23.59 0.14
N THR A 315 14.40 22.47 -0.45
CA THR A 315 15.35 22.51 -1.56
C THR A 315 15.28 21.31 -2.47
N THR A 316 14.56 20.26 -2.06
CA THR A 316 14.45 19.08 -2.89
C THR A 316 13.08 19.07 -3.58
N PRO A 317 12.85 18.09 -4.47
CA PRO A 317 11.56 18.02 -5.17
C PRO A 317 10.42 17.48 -4.30
N ASN A 318 9.20 17.92 -4.61
CA ASN A 318 8.00 17.48 -3.90
C ASN A 318 6.87 17.22 -4.89
N PRO A 319 5.98 16.25 -4.61
CA PRO A 319 4.87 15.94 -5.51
C PRO A 319 4.02 17.18 -5.81
N GLU A 320 3.73 17.41 -7.09
CA GLU A 320 2.96 18.57 -7.53
C GLU A 320 1.51 18.62 -7.07
N GLU A 321 1.09 19.80 -6.62
CA GLU A 321 -0.27 20.04 -6.12
C GLU A 321 -1.36 19.15 -6.73
N ASP A 322 -1.40 19.08 -8.04
CA ASP A 322 -2.38 18.24 -8.71
C ASP A 322 -2.22 16.79 -8.28
N LYS A 323 -1.07 16.20 -8.58
CA LYS A 323 -0.87 14.79 -8.22
C LYS A 323 -1.35 14.56 -6.80
N ASP A 324 -1.02 15.50 -5.90
CA ASP A 324 -1.42 15.39 -4.50
C ASP A 324 -2.93 15.38 -4.39
N LEU A 325 -3.54 16.44 -4.91
CA LEU A 325 -4.99 16.60 -4.90
C LEU A 325 -5.65 15.38 -5.50
N GLN A 326 -5.09 14.89 -6.60
CA GLN A 326 -5.65 13.71 -7.25
C GLN A 326 -5.60 12.49 -6.32
N LEU A 327 -4.44 12.19 -5.73
CA LEU A 327 -4.37 11.04 -4.84
C LEU A 327 -5.27 11.26 -3.65
N PHE A 328 -5.32 12.48 -3.17
CA PHE A 328 -6.17 12.78 -2.05
C PHE A 328 -7.58 12.26 -2.29
N ARG A 329 -8.07 12.39 -3.52
CA ARG A 329 -9.42 11.94 -3.79
C ARG A 329 -9.47 10.43 -4.03
N LYS A 330 -8.54 9.88 -4.80
CA LYS A 330 -8.57 8.44 -5.04
C LYS A 330 -8.81 7.71 -3.72
N LEU A 331 -8.11 8.14 -2.68
CA LEU A 331 -8.24 7.52 -1.36
C LEU A 331 -9.45 8.09 -0.64
N GLY A 332 -9.91 9.24 -1.11
CA GLY A 332 -11.08 9.86 -0.52
C GLY A 332 -10.77 10.67 0.70
N LEU A 333 -9.80 11.55 0.58
CA LEU A 333 -9.45 12.36 1.71
C LEU A 333 -9.83 13.80 1.45
N ASN A 334 -10.52 14.39 2.43
CA ASN A 334 -10.90 15.79 2.36
C ASN A 334 -12.08 16.21 1.46
N PRO A 335 -12.59 17.44 1.69
CA PRO A 335 -13.69 18.09 0.98
C PRO A 335 -12.99 19.24 0.25
N GLN A 336 -11.95 18.87 -0.50
CA GLN A 336 -11.14 19.82 -1.24
C GLN A 336 -11.20 19.39 -2.71
N GLN A 337 -12.44 19.19 -3.19
CA GLN A 337 -12.66 18.76 -4.57
C GLN A 337 -13.41 19.81 -5.39
N THR A 338 -12.80 20.24 -6.49
CA THR A 338 -13.39 21.23 -7.36
C THR A 338 -13.08 20.89 -8.82
N HIS B 26 -32.72 -21.17 2.26
CA HIS B 26 -32.41 -19.89 1.56
C HIS B 26 -32.18 -18.70 2.50
N ARG B 27 -31.28 -17.79 2.09
CA ARG B 27 -30.90 -16.63 2.89
C ARG B 27 -30.96 -15.30 2.11
N PRO B 28 -30.61 -14.18 2.77
CA PRO B 28 -30.59 -12.80 2.23
C PRO B 28 -29.69 -12.59 1.05
N ARG B 29 -30.05 -11.64 0.20
CA ARG B 29 -29.24 -11.34 -0.96
C ARG B 29 -28.95 -9.84 -1.09
N TRP B 30 -27.70 -9.55 -1.42
CA TRP B 30 -27.19 -8.19 -1.60
C TRP B 30 -27.91 -7.52 -2.75
N THR B 31 -28.33 -6.28 -2.54
CA THR B 31 -28.99 -5.55 -3.61
C THR B 31 -27.84 -4.93 -4.38
N LEU B 32 -28.10 -4.40 -5.57
CA LEU B 32 -27.02 -3.78 -6.31
C LEU B 32 -26.74 -2.39 -5.77
N SER B 33 -27.79 -1.62 -5.53
CA SER B 33 -27.62 -0.27 -5.00
C SER B 33 -27.07 -0.38 -3.58
N GLN B 34 -26.78 -1.60 -3.17
CA GLN B 34 -26.26 -1.89 -1.84
C GLN B 34 -24.79 -2.18 -1.94
N VAL B 35 -24.36 -2.59 -3.13
CA VAL B 35 -22.97 -2.91 -3.35
C VAL B 35 -22.29 -1.70 -3.99
N THR B 36 -23.01 -1.01 -4.84
CA THR B 36 -22.43 0.18 -5.46
C THR B 36 -22.04 1.10 -4.31
N GLU B 37 -22.76 1.02 -3.19
CA GLU B 37 -22.47 1.84 -2.01
C GLU B 37 -20.99 1.69 -1.65
N LEU B 38 -20.52 0.44 -1.61
CA LEU B 38 -19.13 0.14 -1.27
C LEU B 38 -18.17 0.75 -2.24
N PHE B 39 -18.29 0.38 -3.52
CA PHE B 39 -17.41 0.93 -4.52
C PHE B 39 -17.34 2.44 -4.48
N GLU B 40 -18.27 3.05 -3.75
CA GLU B 40 -18.27 4.50 -3.64
C GLU B 40 -17.67 4.94 -2.31
N LYS B 41 -17.71 4.06 -1.31
CA LYS B 41 -17.16 4.36 0.02
C LYS B 41 -15.71 4.83 -0.02
N PRO B 42 -15.34 5.78 0.86
CA PRO B 42 -13.98 6.33 0.97
C PRO B 42 -12.93 5.24 1.15
N LEU B 43 -12.31 4.86 0.03
CA LEU B 43 -11.31 3.80 -0.02
C LEU B 43 -10.71 3.35 1.31
N LEU B 44 -9.95 4.23 1.93
CA LEU B 44 -9.33 3.91 3.21
C LEU B 44 -10.33 3.28 4.16
N ASP B 45 -11.41 4.00 4.43
CA ASP B 45 -12.45 3.49 5.33
C ASP B 45 -12.92 2.12 4.88
N LEU B 46 -13.11 1.93 3.58
CA LEU B 46 -13.54 0.64 3.10
C LEU B 46 -12.48 -0.39 3.53
N LEU B 47 -11.21 -0.08 3.28
CA LEU B 47 -10.12 -0.97 3.66
C LEU B 47 -10.20 -1.38 5.13
N PHE B 48 -10.61 -0.44 5.97
CA PHE B 48 -10.72 -0.74 7.38
C PHE B 48 -11.75 -1.83 7.61
N GLU B 49 -12.99 -1.58 7.17
CA GLU B 49 -14.08 -2.54 7.34
C GLU B 49 -13.58 -3.86 6.84
N ALA B 50 -12.95 -3.80 5.67
CA ALA B 50 -12.40 -5.00 5.06
C ALA B 50 -11.68 -5.83 6.11
N GLN B 51 -10.57 -5.28 6.63
CA GLN B 51 -9.76 -5.95 7.63
C GLN B 51 -10.65 -6.37 8.78
N GLN B 52 -11.44 -5.42 9.27
CA GLN B 52 -12.34 -5.69 10.38
C GLN B 52 -13.03 -7.01 10.13
N VAL B 53 -13.61 -7.15 8.94
CA VAL B 53 -14.31 -8.37 8.58
C VAL B 53 -13.36 -9.54 8.53
N HIS B 54 -12.37 -9.45 7.66
CA HIS B 54 -11.41 -10.52 7.48
C HIS B 54 -10.93 -11.16 8.78
N ARG B 55 -10.57 -10.32 9.74
CA ARG B 55 -10.09 -10.82 11.03
C ARG B 55 -11.14 -11.58 11.78
N GLN B 56 -12.40 -11.32 11.50
CA GLN B 56 -13.47 -12.03 12.20
C GLN B 56 -13.77 -13.41 11.63
N HIS B 57 -13.23 -13.69 10.44
CA HIS B 57 -13.49 -14.99 9.86
C HIS B 57 -12.22 -15.73 9.47
N PHE B 58 -11.09 -15.04 9.40
CA PHE B 58 -9.86 -15.73 9.03
C PHE B 58 -8.69 -15.47 9.96
N ASP B 59 -7.65 -16.28 9.84
CA ASP B 59 -6.47 -16.06 10.64
C ASP B 59 -5.61 -15.16 9.78
N PRO B 60 -5.54 -13.86 10.12
CA PRO B 60 -4.69 -13.01 9.26
C PRO B 60 -3.28 -13.56 9.27
N ARG B 61 -2.34 -12.81 8.73
CA ARG B 61 -0.95 -13.29 8.68
C ARG B 61 -0.83 -14.73 8.16
N GLN B 62 -1.95 -15.32 7.76
CA GLN B 62 -1.97 -16.67 7.21
C GLN B 62 -2.56 -16.60 5.80
N VAL B 63 -1.80 -17.06 4.80
CA VAL B 63 -2.23 -17.01 3.41
C VAL B 63 -2.23 -18.37 2.73
N GLN B 64 -3.19 -18.58 1.81
CA GLN B 64 -3.32 -19.84 1.08
C GLN B 64 -2.42 -19.86 -0.15
N VAL B 65 -1.65 -20.95 -0.29
CA VAL B 65 -0.73 -21.09 -1.40
C VAL B 65 -1.01 -22.26 -2.36
N SER B 66 -1.46 -21.91 -3.56
CA SER B 66 -1.76 -22.89 -4.59
C SER B 66 -0.87 -22.64 -5.81
N THR B 67 -0.32 -23.71 -6.35
CA THR B 67 0.54 -23.58 -7.51
C THR B 67 -0.16 -24.37 -8.61
N LEU B 68 -0.18 -23.83 -9.82
CA LEU B 68 -0.86 -24.51 -10.93
C LEU B 68 0.03 -24.64 -12.15
N LEU B 69 -0.42 -25.47 -13.09
CA LEU B 69 0.30 -25.65 -14.34
C LEU B 69 -0.78 -25.86 -15.39
N SER B 70 -0.38 -25.88 -16.66
CA SER B 70 -1.35 -26.07 -17.71
C SER B 70 -1.29 -27.49 -18.22
N ILE B 71 -2.16 -28.33 -17.68
CA ILE B 71 -2.24 -29.72 -18.08
C ILE B 71 -2.21 -29.80 -19.62
N LYS B 72 -2.86 -28.84 -20.27
CA LYS B 72 -2.91 -28.74 -21.73
C LYS B 72 -3.11 -27.29 -22.13
N THR B 73 -2.18 -26.78 -22.93
CA THR B 73 -2.22 -25.38 -23.35
C THR B 73 -2.16 -25.12 -24.84
N GLY B 74 -2.68 -23.97 -25.25
CA GLY B 74 -2.61 -23.62 -26.65
C GLY B 74 -3.90 -23.46 -27.44
N ALA B 75 -4.00 -24.24 -28.51
CA ALA B 75 -5.15 -24.20 -29.41
C ALA B 75 -6.48 -24.22 -28.68
N CYS B 76 -7.05 -23.05 -28.45
CA CYS B 76 -8.34 -23.01 -27.78
C CYS B 76 -9.46 -22.43 -28.63
N PRO B 77 -10.61 -23.12 -28.66
CA PRO B 77 -11.82 -22.78 -29.40
C PRO B 77 -12.41 -21.42 -29.06
N GLU B 78 -12.73 -21.20 -27.79
CA GLU B 78 -13.37 -19.95 -27.36
C GLU B 78 -12.65 -18.67 -27.81
N ASP B 79 -13.26 -17.51 -27.60
CA ASP B 79 -12.66 -16.26 -28.04
C ASP B 79 -12.55 -15.18 -26.98
N CYS B 80 -11.99 -15.48 -25.81
CA CYS B 80 -11.88 -14.46 -24.78
C CYS B 80 -10.91 -13.34 -25.16
N LYS B 81 -11.45 -12.13 -25.25
CA LYS B 81 -10.68 -10.94 -25.62
C LYS B 81 -9.42 -10.72 -24.80
N TYR B 82 -9.28 -11.44 -23.69
CA TYR B 82 -8.13 -11.26 -22.80
C TYR B 82 -7.11 -12.37 -22.78
N CYS B 83 -7.57 -13.59 -22.97
CA CYS B 83 -6.72 -14.78 -22.93
C CYS B 83 -5.70 -14.88 -24.05
N PRO B 84 -4.51 -15.39 -23.73
CA PRO B 84 -3.47 -15.54 -24.73
C PRO B 84 -3.47 -16.91 -25.39
N GLN B 85 -4.33 -17.82 -24.92
CA GLN B 85 -4.38 -19.15 -25.50
C GLN B 85 -5.39 -19.26 -26.64
N SER B 86 -6.35 -18.34 -26.67
CA SER B 86 -7.38 -18.34 -27.69
C SER B 86 -6.83 -18.52 -29.11
N SER B 87 -7.21 -19.61 -29.75
CA SER B 87 -6.75 -19.87 -31.10
C SER B 87 -7.15 -18.75 -32.05
N ARG B 88 -8.00 -17.85 -31.56
CA ARG B 88 -8.49 -16.72 -32.37
C ARG B 88 -7.50 -15.57 -32.52
N TYR B 89 -6.36 -15.63 -31.83
CA TYR B 89 -5.41 -14.53 -31.93
C TYR B 89 -3.93 -14.88 -32.10
N LYS B 90 -3.14 -13.86 -32.41
CA LYS B 90 -1.71 -14.00 -32.60
C LYS B 90 -1.06 -14.52 -31.32
N THR B 91 -0.53 -13.60 -30.53
CA THR B 91 0.12 -13.92 -29.26
C THR B 91 1.16 -15.04 -29.32
N GLY B 92 1.57 -15.40 -30.53
CA GLY B 92 2.56 -16.45 -30.71
C GLY B 92 2.84 -17.30 -29.49
N LEU B 93 1.96 -18.26 -29.23
CA LEU B 93 2.10 -19.16 -28.09
C LEU B 93 2.44 -20.58 -28.54
N GLU B 94 3.59 -21.09 -28.07
CA GLU B 94 4.02 -22.43 -28.39
C GLU B 94 2.94 -23.40 -27.96
N ALA B 95 2.07 -23.77 -28.89
CA ALA B 95 0.97 -24.69 -28.59
C ALA B 95 1.48 -26.10 -28.25
N GLU B 96 1.21 -26.54 -27.02
CA GLU B 96 1.61 -27.86 -26.54
C GLU B 96 0.38 -28.74 -26.43
N ARG B 97 0.58 -30.06 -26.40
CA ARG B 97 -0.53 -31.00 -26.29
C ARG B 97 -0.57 -31.67 -24.92
N LEU B 98 -1.78 -31.97 -24.42
CA LEU B 98 -1.95 -32.60 -23.10
C LEU B 98 -0.79 -33.50 -22.71
N MET B 99 -0.21 -33.23 -21.55
CA MET B 99 0.93 -33.99 -21.06
C MET B 99 0.55 -35.28 -20.33
N GLU B 100 1.40 -36.28 -20.45
CA GLU B 100 1.17 -37.58 -19.83
C GLU B 100 0.98 -37.44 -18.33
N VAL B 101 0.35 -38.44 -17.71
CA VAL B 101 0.10 -38.40 -16.28
C VAL B 101 1.39 -38.23 -15.48
N GLU B 102 2.48 -38.78 -15.99
CA GLU B 102 3.76 -38.64 -15.32
C GLU B 102 4.14 -37.17 -15.32
N GLN B 103 4.32 -36.62 -16.52
CA GLN B 103 4.68 -35.21 -16.69
C GLN B 103 3.97 -34.28 -15.71
N VAL B 104 2.70 -34.58 -15.43
CA VAL B 104 1.90 -33.79 -14.50
C VAL B 104 2.37 -34.05 -13.08
N LEU B 105 2.20 -35.30 -12.63
CA LEU B 105 2.62 -35.68 -11.30
C LEU B 105 4.04 -35.25 -11.05
N GLU B 106 4.82 -35.20 -12.12
CA GLU B 106 6.20 -34.77 -12.01
C GLU B 106 6.13 -33.35 -11.44
N SER B 107 5.70 -32.41 -12.27
CA SER B 107 5.59 -31.00 -11.86
C SER B 107 4.80 -30.86 -10.57
N ALA B 108 3.85 -31.76 -10.37
CA ALA B 108 3.03 -31.72 -9.17
C ALA B 108 3.91 -31.91 -7.96
N ARG B 109 4.85 -32.85 -8.07
CA ARG B 109 5.76 -33.17 -6.98
C ARG B 109 6.66 -31.99 -6.66
N LYS B 110 7.42 -31.53 -7.65
CA LYS B 110 8.32 -30.40 -7.45
C LYS B 110 7.59 -29.25 -6.77
N ALA B 111 6.29 -29.18 -6.99
CA ALA B 111 5.46 -28.13 -6.42
C ALA B 111 5.05 -28.44 -4.98
N LYS B 112 4.90 -29.71 -4.65
CA LYS B 112 4.54 -30.09 -3.30
C LYS B 112 5.75 -29.76 -2.44
N ALA B 113 6.87 -30.36 -2.83
CA ALA B 113 8.13 -30.14 -2.13
C ALA B 113 8.39 -28.65 -2.13
N ALA B 114 8.09 -27.99 -3.24
CA ALA B 114 8.28 -26.56 -3.36
C ALA B 114 7.53 -25.84 -2.24
N GLY B 115 6.61 -26.55 -1.60
CA GLY B 115 5.87 -25.95 -0.50
C GLY B 115 4.42 -25.59 -0.69
N SER B 116 3.89 -25.74 -1.91
CA SER B 116 2.49 -25.39 -2.15
C SER B 116 1.53 -26.41 -1.56
N THR B 117 0.33 -25.95 -1.24
CA THR B 117 -0.68 -26.82 -0.62
C THR B 117 -1.64 -27.48 -1.62
N ARG B 118 -2.09 -26.69 -2.59
CA ARG B 118 -3.06 -27.14 -3.60
C ARG B 118 -2.47 -27.10 -5.01
N PHE B 119 -2.74 -28.15 -5.79
CA PHE B 119 -2.25 -28.19 -7.15
C PHE B 119 -3.42 -27.90 -8.11
N CYS B 120 -3.19 -27.04 -9.10
CA CYS B 120 -4.25 -26.68 -10.03
C CYS B 120 -3.98 -26.95 -11.51
N MET B 121 -4.48 -28.06 -12.04
CA MET B 121 -4.28 -28.34 -13.46
C MET B 121 -5.28 -27.54 -14.29
N GLY B 122 -4.84 -27.00 -15.42
CA GLY B 122 -5.73 -26.22 -16.25
C GLY B 122 -5.61 -26.49 -17.72
N ALA B 123 -6.69 -26.99 -18.31
CA ALA B 123 -6.72 -27.32 -19.73
C ALA B 123 -7.24 -26.13 -20.52
N ALA B 124 -6.88 -26.07 -21.80
CA ALA B 124 -7.35 -24.96 -22.62
C ALA B 124 -8.50 -25.45 -23.47
N TRP B 125 -9.51 -26.03 -22.84
CA TRP B 125 -10.66 -26.55 -23.58
C TRP B 125 -11.94 -25.78 -23.35
N LYS B 126 -12.99 -26.19 -24.07
CA LYS B 126 -14.29 -25.57 -23.90
C LYS B 126 -14.89 -26.48 -22.87
N ASN B 127 -14.79 -27.78 -23.16
CA ASN B 127 -15.28 -28.82 -22.27
C ASN B 127 -14.38 -30.05 -22.45
N PRO B 128 -14.19 -30.83 -21.39
CA PRO B 128 -13.33 -32.02 -21.52
C PRO B 128 -13.99 -33.04 -22.46
N HIS B 129 -13.22 -34.03 -22.90
CA HIS B 129 -13.75 -35.08 -23.77
C HIS B 129 -13.74 -36.42 -23.04
N GLU B 130 -14.71 -37.28 -23.33
CA GLU B 130 -14.81 -38.58 -22.68
C GLU B 130 -13.49 -39.34 -22.78
N ARG B 131 -12.79 -39.18 -23.89
CA ARG B 131 -11.52 -39.87 -24.02
C ARG B 131 -10.55 -39.33 -22.98
N ASP B 132 -10.68 -38.06 -22.64
CA ASP B 132 -9.81 -37.42 -21.65
C ASP B 132 -9.96 -38.05 -20.26
N MET B 133 -11.16 -37.93 -19.72
CA MET B 133 -11.49 -38.43 -18.39
C MET B 133 -10.58 -39.46 -17.73
N PRO B 134 -10.34 -40.61 -18.39
CA PRO B 134 -9.47 -41.61 -17.78
C PRO B 134 -8.13 -41.03 -17.32
N TYR B 135 -7.61 -40.12 -18.12
CA TYR B 135 -6.34 -39.48 -17.82
C TYR B 135 -6.54 -38.39 -16.78
N LEU B 136 -7.52 -37.53 -17.00
CA LEU B 136 -7.79 -36.48 -16.04
C LEU B 136 -8.00 -37.15 -14.69
N GLU B 137 -8.79 -38.23 -14.69
CA GLU B 137 -9.07 -38.99 -13.47
C GLU B 137 -7.75 -39.47 -12.89
N GLN B 138 -6.97 -40.15 -13.72
CA GLN B 138 -5.70 -40.69 -13.29
C GLN B 138 -4.80 -39.63 -12.66
N MET B 139 -4.89 -38.40 -13.17
CA MET B 139 -4.10 -37.30 -12.65
C MET B 139 -4.51 -36.96 -11.22
N VAL B 140 -5.79 -36.69 -11.04
CA VAL B 140 -6.31 -36.38 -9.71
C VAL B 140 -5.84 -37.46 -8.74
N GLN B 141 -5.86 -38.71 -9.19
CA GLN B 141 -5.42 -39.82 -8.35
C GLN B 141 -4.06 -39.47 -7.74
N GLY B 142 -3.04 -39.45 -8.59
CA GLY B 142 -1.69 -39.14 -8.14
C GLY B 142 -1.56 -37.89 -7.30
N VAL B 143 -2.16 -36.80 -7.76
CA VAL B 143 -2.10 -35.55 -7.01
C VAL B 143 -2.76 -35.68 -5.64
N LYS B 144 -3.86 -36.41 -5.56
CA LYS B 144 -4.55 -36.54 -4.31
C LYS B 144 -3.78 -37.42 -3.32
N ALA B 145 -3.16 -38.47 -3.83
CA ALA B 145 -2.37 -39.38 -2.99
C ALA B 145 -1.04 -38.76 -2.65
N MET B 146 -0.51 -37.97 -3.58
CA MET B 146 0.77 -37.32 -3.38
C MET B 146 0.77 -36.50 -2.10
N GLY B 147 -0.41 -36.23 -1.56
CA GLY B 147 -0.50 -35.48 -0.33
C GLY B 147 -1.07 -34.07 -0.39
N LEU B 148 -1.22 -33.51 -1.60
CA LEU B 148 -1.75 -32.16 -1.73
C LEU B 148 -3.16 -32.08 -2.30
N GLU B 149 -3.74 -30.88 -2.25
CA GLU B 149 -5.08 -30.67 -2.76
C GLU B 149 -5.05 -30.69 -4.28
N ALA B 150 -6.15 -31.20 -4.86
CA ALA B 150 -6.30 -31.30 -6.29
C ALA B 150 -7.48 -30.49 -6.79
N CYS B 151 -7.20 -29.62 -7.75
CA CYS B 151 -8.21 -28.77 -8.34
C CYS B 151 -7.85 -28.50 -9.77
N MET B 152 -8.75 -28.83 -10.68
CA MET B 152 -8.49 -28.55 -12.09
C MET B 152 -9.61 -27.73 -12.72
N THR B 153 -9.25 -27.06 -13.80
CA THR B 153 -10.18 -26.22 -14.54
C THR B 153 -10.10 -26.72 -15.98
N LEU B 154 -11.17 -27.39 -16.37
CA LEU B 154 -11.25 -27.98 -17.69
C LEU B 154 -12.35 -27.36 -18.54
N GLY B 155 -12.97 -26.31 -18.02
CA GLY B 155 -14.04 -25.68 -18.76
C GLY B 155 -15.40 -26.13 -18.28
N THR B 156 -16.33 -26.32 -19.20
CA THR B 156 -17.70 -26.73 -18.87
C THR B 156 -17.80 -28.24 -18.77
N LEU B 157 -17.68 -28.79 -17.58
CA LEU B 157 -17.81 -30.24 -17.47
C LEU B 157 -19.30 -30.49 -17.27
N SER B 158 -19.71 -31.75 -17.42
CA SER B 158 -21.12 -32.11 -17.28
C SER B 158 -21.37 -33.18 -16.24
N GLU B 159 -22.51 -33.07 -15.56
CA GLU B 159 -22.94 -33.98 -14.50
C GLU B 159 -22.17 -35.27 -14.41
N SER B 160 -21.97 -35.93 -15.55
CA SER B 160 -21.22 -37.19 -15.59
C SER B 160 -19.76 -36.95 -15.21
N GLN B 161 -19.09 -36.12 -15.99
CA GLN B 161 -17.69 -35.79 -15.76
C GLN B 161 -17.41 -35.36 -14.33
N ALA B 162 -18.25 -34.47 -13.81
CA ALA B 162 -18.09 -33.97 -12.44
C ALA B 162 -17.99 -35.14 -11.47
N GLN B 163 -19.10 -35.87 -11.35
CA GLN B 163 -19.19 -37.00 -10.46
C GLN B 163 -18.01 -37.95 -10.63
N ARG B 164 -17.41 -37.94 -11.82
CA ARG B 164 -16.27 -38.80 -12.09
C ARG B 164 -15.03 -38.18 -11.44
N LEU B 165 -14.83 -36.88 -11.68
CA LEU B 165 -13.70 -36.16 -11.11
C LEU B 165 -13.78 -36.21 -9.60
N ALA B 166 -14.98 -35.98 -9.07
CA ALA B 166 -15.19 -36.02 -7.64
C ALA B 166 -14.80 -37.40 -7.09
N ASN B 167 -15.32 -38.46 -7.71
CA ASN B 167 -15.01 -39.81 -7.27
C ASN B 167 -13.52 -40.08 -7.27
N ALA B 168 -12.80 -39.46 -8.21
CA ALA B 168 -11.36 -39.64 -8.30
C ALA B 168 -10.66 -38.91 -7.16
N GLY B 169 -11.19 -37.74 -6.80
CA GLY B 169 -10.61 -36.97 -5.72
C GLY B 169 -10.88 -35.48 -5.79
N LEU B 170 -10.52 -34.86 -6.91
CA LEU B 170 -10.67 -33.42 -7.11
C LEU B 170 -11.37 -32.71 -5.96
N ASP B 171 -10.65 -31.80 -5.33
CA ASP B 171 -11.18 -31.04 -4.20
C ASP B 171 -11.83 -29.74 -4.63
N TYR B 172 -11.35 -29.19 -5.74
CA TYR B 172 -11.88 -27.93 -6.25
C TYR B 172 -12.05 -27.94 -7.77
N TYR B 173 -12.91 -27.05 -8.26
CA TYR B 173 -13.10 -26.88 -9.70
C TYR B 173 -13.15 -25.38 -9.95
N ASN B 174 -12.43 -24.94 -10.98
CA ASN B 174 -12.38 -23.54 -11.33
C ASN B 174 -13.33 -23.23 -12.48
N HIS B 175 -14.03 -22.10 -12.38
CA HIS B 175 -14.97 -21.66 -13.42
C HIS B 175 -15.34 -20.22 -13.11
N ASN B 176 -14.77 -19.29 -13.87
CA ASN B 176 -15.01 -17.86 -13.60
C ASN B 176 -16.17 -17.21 -14.35
N LEU B 177 -16.65 -16.10 -13.81
CA LEU B 177 -17.73 -15.34 -14.41
C LEU B 177 -17.15 -14.11 -15.09
N ASP B 178 -15.86 -13.87 -14.86
CA ASP B 178 -15.13 -12.76 -15.46
C ASP B 178 -15.69 -11.35 -15.24
N THR B 179 -16.99 -11.15 -15.40
CA THR B 179 -17.59 -9.85 -15.18
C THR B 179 -19.10 -9.89 -15.03
N SER B 180 -19.70 -8.72 -15.19
CA SER B 180 -21.14 -8.59 -15.10
C SER B 180 -21.75 -9.34 -16.28
N PRO B 181 -22.97 -9.89 -16.09
CA PRO B 181 -23.56 -10.60 -17.22
C PRO B 181 -23.77 -9.58 -18.33
N GLU B 182 -24.10 -8.35 -17.92
CA GLU B 182 -24.35 -7.25 -18.85
C GLU B 182 -23.10 -6.75 -19.56
N PHE B 183 -22.01 -7.51 -19.50
CA PHE B 183 -20.78 -7.11 -20.15
C PHE B 183 -20.07 -8.33 -20.72
N TYR B 184 -20.41 -9.50 -20.18
CA TYR B 184 -19.81 -10.75 -20.62
C TYR B 184 -19.69 -10.74 -22.14
N GLY B 185 -20.71 -10.17 -22.78
CA GLY B 185 -20.74 -10.11 -24.22
C GLY B 185 -19.57 -9.42 -24.90
N ASN B 186 -19.12 -8.31 -24.34
CA ASN B 186 -18.02 -7.57 -24.94
C ASN B 186 -16.70 -8.29 -24.82
N ILE B 187 -16.61 -9.25 -23.91
CA ILE B 187 -15.39 -10.00 -23.70
C ILE B 187 -15.45 -11.41 -24.28
N ILE B 188 -16.42 -12.18 -23.81
CA ILE B 188 -16.60 -13.55 -24.26
C ILE B 188 -17.91 -13.68 -25.02
N THR B 189 -17.91 -14.48 -26.07
CA THR B 189 -19.11 -14.67 -26.88
C THR B 189 -19.45 -16.15 -27.10
N THR B 190 -18.41 -16.96 -27.20
CA THR B 190 -18.58 -18.38 -27.44
C THR B 190 -19.24 -19.17 -26.29
N ARG B 191 -19.76 -18.46 -25.30
CA ARG B 191 -20.41 -19.12 -24.18
C ARG B 191 -21.52 -18.26 -23.59
N THR B 192 -22.49 -18.91 -22.97
CA THR B 192 -23.60 -18.19 -22.36
C THR B 192 -23.19 -17.87 -20.94
N TYR B 193 -23.40 -16.63 -20.51
CA TYR B 193 -23.03 -16.30 -19.14
C TYR B 193 -23.64 -17.40 -18.28
N GLN B 194 -24.91 -17.66 -18.52
CA GLN B 194 -25.65 -18.69 -17.79
C GLN B 194 -24.92 -20.03 -17.90
N GLU B 195 -24.51 -20.36 -19.11
CA GLU B 195 -23.82 -21.61 -19.40
C GLU B 195 -22.79 -21.98 -18.33
N ARG B 196 -22.19 -20.97 -17.71
CA ARG B 196 -21.20 -21.19 -16.67
C ARG B 196 -21.88 -21.48 -15.35
N LEU B 197 -22.77 -20.59 -14.92
CA LEU B 197 -23.49 -20.77 -13.67
C LEU B 197 -23.89 -22.24 -13.58
N ASP B 198 -24.40 -22.75 -14.69
CA ASP B 198 -24.85 -24.13 -14.77
C ASP B 198 -23.74 -25.09 -14.35
N THR B 199 -22.54 -24.83 -14.85
CA THR B 199 -21.41 -25.67 -14.53
C THR B 199 -21.05 -25.65 -13.05
N LEU B 200 -21.11 -24.48 -12.42
CA LEU B 200 -20.80 -24.40 -11.01
C LEU B 200 -21.68 -25.39 -10.29
N GLU B 201 -23.00 -25.16 -10.34
CA GLU B 201 -23.95 -26.03 -9.68
C GLU B 201 -23.66 -27.50 -9.96
N LYS B 202 -23.28 -27.83 -11.19
CA LYS B 202 -22.99 -29.22 -11.50
C LYS B 202 -21.89 -29.70 -10.57
N VAL B 203 -20.92 -28.83 -10.35
CA VAL B 203 -19.78 -29.12 -9.49
C VAL B 203 -20.21 -29.11 -8.03
N ARG B 204 -21.07 -28.16 -7.69
CA ARG B 204 -21.60 -28.02 -6.34
C ARG B 204 -22.15 -29.39 -5.94
N ASP B 205 -23.27 -29.74 -6.56
CA ASP B 205 -23.98 -31.01 -6.35
C ASP B 205 -23.05 -32.18 -6.49
N ALA B 206 -22.00 -32.00 -7.28
CA ALA B 206 -21.03 -33.06 -7.49
C ALA B 206 -20.32 -33.40 -6.17
N GLY B 207 -20.24 -32.40 -5.29
CA GLY B 207 -19.59 -32.58 -4.02
C GLY B 207 -18.16 -32.12 -4.12
N ILE B 208 -17.95 -31.01 -4.85
CA ILE B 208 -16.62 -30.45 -5.03
C ILE B 208 -16.65 -28.97 -4.72
N LYS B 209 -15.53 -28.45 -4.22
CA LYS B 209 -15.46 -27.04 -3.89
C LYS B 209 -15.37 -26.16 -5.14
N VAL B 210 -16.15 -25.09 -5.13
CA VAL B 210 -16.22 -24.16 -6.22
C VAL B 210 -15.26 -22.97 -6.13
N CYS B 211 -14.41 -22.81 -7.13
CA CYS B 211 -13.52 -21.67 -7.17
C CYS B 211 -13.98 -20.85 -8.34
N SER B 212 -14.63 -19.73 -8.07
CA SER B 212 -15.13 -18.86 -9.13
C SER B 212 -14.76 -17.41 -8.92
N GLY B 213 -14.33 -16.75 -9.99
CA GLY B 213 -13.95 -15.36 -9.83
C GLY B 213 -13.95 -14.62 -11.14
N GLY B 214 -13.30 -13.47 -11.17
CA GLY B 214 -13.25 -12.67 -12.38
C GLY B 214 -11.95 -11.95 -12.65
N ILE B 215 -12.02 -11.04 -13.61
CA ILE B 215 -10.88 -10.26 -14.02
C ILE B 215 -11.24 -8.80 -13.88
N VAL B 216 -10.24 -7.97 -13.68
CA VAL B 216 -10.48 -6.54 -13.54
C VAL B 216 -9.74 -5.76 -14.61
N GLY B 217 -10.41 -4.76 -15.17
CA GLY B 217 -9.77 -3.92 -16.20
C GLY B 217 -9.86 -4.45 -17.62
N LEU B 218 -10.95 -5.14 -17.92
CA LEU B 218 -11.17 -5.69 -19.24
C LEU B 218 -11.74 -4.57 -20.08
N GLY B 219 -12.41 -3.66 -19.39
CA GLY B 219 -13.04 -2.52 -20.03
C GLY B 219 -14.22 -2.20 -19.14
N GLU B 220 -14.54 -3.18 -18.31
CA GLU B 220 -15.62 -3.12 -17.33
C GLU B 220 -15.65 -1.78 -16.59
N THR B 221 -16.76 -1.50 -15.91
CA THR B 221 -16.88 -0.27 -15.14
C THR B 221 -17.20 -0.64 -13.70
N VAL B 222 -17.06 0.34 -12.82
CA VAL B 222 -17.34 0.15 -11.41
C VAL B 222 -18.60 -0.68 -11.26
N LYS B 223 -19.62 -0.32 -12.04
CA LYS B 223 -20.90 -1.01 -11.98
C LYS B 223 -20.73 -2.47 -12.40
N ASP B 224 -20.05 -2.70 -13.52
CA ASP B 224 -19.84 -4.06 -13.99
C ASP B 224 -19.23 -4.92 -12.89
N ARG B 225 -18.06 -4.51 -12.40
CA ARG B 225 -17.39 -5.25 -11.33
C ARG B 225 -18.41 -5.56 -10.26
N ALA B 226 -19.08 -4.51 -9.78
CA ALA B 226 -20.08 -4.68 -8.74
C ALA B 226 -20.94 -5.88 -9.12
N GLY B 227 -21.52 -5.80 -10.32
CA GLY B 227 -22.36 -6.87 -10.81
C GLY B 227 -21.74 -8.25 -10.68
N LEU B 228 -20.43 -8.32 -10.92
CA LEU B 228 -19.74 -9.61 -10.83
C LEU B 228 -19.82 -10.14 -9.41
N LEU B 229 -19.24 -9.45 -8.45
CA LEU B 229 -19.30 -9.94 -7.07
C LEU B 229 -20.76 -10.24 -6.75
N LEU B 230 -21.58 -9.20 -6.89
CA LEU B 230 -23.01 -9.26 -6.63
C LEU B 230 -23.60 -10.53 -7.20
N GLN B 231 -22.96 -11.04 -8.25
CA GLN B 231 -23.38 -12.26 -8.94
C GLN B 231 -23.01 -13.50 -8.14
N LEU B 232 -21.73 -13.88 -8.18
CA LEU B 232 -21.28 -15.06 -7.48
C LEU B 232 -21.45 -14.92 -5.97
N ALA B 233 -21.99 -13.77 -5.54
CA ALA B 233 -22.20 -13.53 -4.12
C ALA B 233 -23.58 -13.97 -3.70
N ASN B 234 -24.54 -13.76 -4.59
CA ASN B 234 -25.92 -14.13 -4.36
C ASN B 234 -26.17 -15.49 -5.00
N LEU B 235 -25.41 -16.49 -4.58
CA LEU B 235 -25.58 -17.82 -5.14
C LEU B 235 -26.04 -18.76 -4.04
N PRO B 236 -26.43 -19.98 -4.39
CA PRO B 236 -26.88 -20.95 -3.38
C PRO B 236 -25.91 -20.95 -2.21
N THR B 237 -24.62 -21.04 -2.54
CA THR B 237 -23.58 -21.03 -1.54
C THR B 237 -22.32 -20.53 -2.23
N PRO B 238 -22.04 -19.22 -2.11
CA PRO B 238 -20.86 -18.58 -2.71
C PRO B 238 -19.62 -19.45 -2.68
N PRO B 239 -18.75 -19.28 -3.69
CA PRO B 239 -17.50 -20.04 -3.85
C PRO B 239 -16.56 -19.95 -2.67
N GLU B 240 -15.93 -21.07 -2.35
CA GLU B 240 -14.98 -21.13 -1.26
C GLU B 240 -13.86 -20.18 -1.61
N SER B 241 -13.30 -20.36 -2.80
CA SER B 241 -12.22 -19.50 -3.28
C SER B 241 -12.77 -18.54 -4.32
N VAL B 242 -12.41 -17.27 -4.20
CA VAL B 242 -12.85 -16.26 -5.14
C VAL B 242 -11.68 -15.48 -5.70
N PRO B 243 -11.09 -15.98 -6.79
CA PRO B 243 -9.94 -15.29 -7.39
C PRO B 243 -10.31 -13.97 -8.01
N ILE B 244 -9.37 -13.06 -8.00
CA ILE B 244 -9.61 -11.78 -8.62
C ILE B 244 -8.37 -11.45 -9.39
N ASN B 245 -8.38 -11.75 -10.68
CA ASN B 245 -7.23 -11.50 -11.53
C ASN B 245 -7.27 -10.08 -12.04
N MET B 246 -6.09 -9.53 -12.30
CA MET B 246 -5.99 -8.20 -12.86
C MET B 246 -5.64 -8.53 -14.30
N LEU B 247 -6.23 -7.80 -15.25
CA LEU B 247 -5.97 -8.09 -16.65
C LEU B 247 -4.51 -8.13 -17.08
N VAL B 248 -4.12 -9.22 -17.73
CA VAL B 248 -2.77 -9.40 -18.21
C VAL B 248 -2.77 -9.07 -19.70
N LYS B 249 -2.46 -7.83 -20.04
CA LYS B 249 -2.45 -7.44 -21.44
C LYS B 249 -1.42 -8.26 -22.21
N VAL B 250 -1.83 -8.88 -23.31
CA VAL B 250 -0.92 -9.69 -24.10
C VAL B 250 -1.00 -9.30 -25.56
N LYS B 251 0.14 -8.91 -26.15
CA LYS B 251 0.15 -8.51 -27.56
C LYS B 251 -0.55 -9.57 -28.39
N GLY B 252 -1.62 -9.15 -29.06
CA GLY B 252 -2.38 -10.08 -29.86
C GLY B 252 -3.82 -10.02 -29.41
N THR B 253 -4.07 -10.35 -28.14
CA THR B 253 -5.42 -10.30 -27.61
C THR B 253 -5.99 -8.92 -27.89
N PRO B 254 -7.28 -8.83 -28.23
CA PRO B 254 -7.91 -7.54 -28.54
C PRO B 254 -7.86 -6.54 -27.37
N LEU B 255 -7.54 -7.03 -26.18
CA LEU B 255 -7.46 -6.16 -25.02
C LEU B 255 -6.06 -5.65 -24.81
N ALA B 256 -5.09 -6.33 -25.41
CA ALA B 256 -3.68 -5.95 -25.30
C ALA B 256 -3.51 -4.46 -25.04
N ASP B 257 -3.85 -3.66 -26.05
CA ASP B 257 -3.73 -2.22 -25.91
C ASP B 257 -4.90 -1.72 -25.07
N ASN B 258 -4.71 -1.73 -23.74
CA ASN B 258 -5.74 -1.29 -22.81
C ASN B 258 -5.18 -0.38 -21.73
N ASP B 259 -6.06 0.42 -21.13
CA ASP B 259 -5.66 1.34 -20.07
C ASP B 259 -5.40 0.52 -18.81
N ASP B 260 -4.28 0.77 -18.15
CA ASP B 260 -3.95 0.04 -16.93
C ASP B 260 -4.92 0.48 -15.82
N VAL B 261 -5.22 -0.44 -14.89
CA VAL B 261 -6.14 -0.13 -13.79
C VAL B 261 -5.42 0.42 -12.58
N ASP B 262 -5.88 1.58 -12.08
CA ASP B 262 -5.25 2.17 -10.93
C ASP B 262 -5.23 1.09 -9.87
N ALA B 263 -4.07 0.89 -9.25
CA ALA B 263 -3.91 -0.12 -8.23
C ALA B 263 -5.03 0.02 -7.21
N PHE B 264 -5.27 1.24 -6.78
CA PHE B 264 -6.29 1.49 -5.80
C PHE B 264 -7.65 0.92 -6.18
N ASP B 265 -7.89 0.70 -7.47
CA ASP B 265 -9.16 0.16 -7.88
C ASP B 265 -9.12 -1.36 -7.84
N PHE B 266 -7.96 -1.94 -8.15
CA PHE B 266 -7.84 -3.39 -8.08
C PHE B 266 -7.82 -3.73 -6.60
N ILE B 267 -7.56 -2.73 -5.78
CA ILE B 267 -7.52 -2.93 -4.33
C ILE B 267 -8.95 -3.04 -3.88
N ARG B 268 -9.64 -1.91 -4.03
CA ARG B 268 -11.04 -1.79 -3.65
C ARG B 268 -11.82 -3.03 -4.04
N THR B 269 -11.57 -3.53 -5.25
CA THR B 269 -12.29 -4.71 -5.70
C THR B 269 -12.13 -5.86 -4.72
N ILE B 270 -10.92 -6.04 -4.19
CA ILE B 270 -10.72 -7.11 -3.23
C ILE B 270 -11.46 -6.81 -1.94
N ALA B 271 -11.43 -5.54 -1.53
CA ALA B 271 -12.10 -5.12 -0.30
C ALA B 271 -13.55 -5.53 -0.34
N VAL B 272 -14.25 -5.06 -1.37
CA VAL B 272 -15.65 -5.39 -1.51
C VAL B 272 -15.82 -6.91 -1.42
N ALA B 273 -15.13 -7.65 -2.28
CA ALA B 273 -15.23 -9.11 -2.27
C ALA B 273 -15.10 -9.68 -0.86
N ARG B 274 -14.13 -9.19 -0.09
CA ARG B 274 -13.92 -9.67 1.28
C ARG B 274 -15.16 -9.44 2.13
N ILE B 275 -15.69 -8.23 2.08
CA ILE B 275 -16.87 -7.90 2.85
C ILE B 275 -18.06 -8.69 2.38
N MET B 276 -18.23 -8.76 1.07
CA MET B 276 -19.36 -9.47 0.49
C MET B 276 -19.38 -10.98 0.65
N MET B 277 -18.25 -11.60 0.94
CA MET B 277 -18.26 -13.04 1.11
C MET B 277 -17.30 -13.47 2.20
N PRO B 278 -17.54 -12.99 3.42
CA PRO B 278 -16.73 -13.26 4.61
C PRO B 278 -16.18 -14.66 4.65
N THR B 279 -17.06 -15.63 4.62
CA THR B 279 -16.65 -17.01 4.68
C THR B 279 -15.74 -17.44 3.53
N SER B 280 -15.51 -16.56 2.55
CA SER B 280 -14.69 -16.94 1.37
C SER B 280 -13.23 -16.52 1.27
N TYR B 281 -12.44 -17.38 0.63
CA TYR B 281 -11.03 -17.12 0.38
C TYR B 281 -10.88 -16.20 -0.83
N VAL B 282 -10.37 -15.01 -0.64
CA VAL B 282 -10.18 -14.13 -1.78
C VAL B 282 -8.74 -14.29 -2.23
N ARG B 283 -8.54 -14.82 -3.42
CA ARG B 283 -7.20 -15.06 -3.95
C ARG B 283 -6.64 -14.01 -4.89
N LEU B 284 -5.68 -13.24 -4.38
CA LEU B 284 -5.02 -12.22 -5.17
C LEU B 284 -4.24 -13.03 -6.16
N SER B 285 -4.63 -12.95 -7.42
CA SER B 285 -3.96 -13.74 -8.46
C SER B 285 -3.72 -12.98 -9.74
N ALA B 286 -3.31 -13.70 -10.76
CA ALA B 286 -3.05 -13.16 -12.08
C ALA B 286 -2.79 -11.67 -12.13
N GLY B 287 -1.52 -11.31 -12.26
CA GLY B 287 -1.17 -9.91 -12.34
C GLY B 287 -0.36 -9.44 -11.17
N ARG B 288 -0.12 -10.33 -10.21
CA ARG B 288 0.67 -9.93 -9.07
C ARG B 288 2.00 -9.48 -9.62
N GLU B 289 2.53 -10.25 -10.57
CA GLU B 289 3.81 -9.93 -11.19
C GLU B 289 3.88 -8.46 -11.57
N GLN B 290 2.75 -7.89 -11.98
CA GLN B 290 2.71 -6.49 -12.38
C GLN B 290 2.59 -5.57 -11.17
N MET B 291 2.06 -6.11 -10.07
CA MET B 291 1.90 -5.32 -8.85
C MET B 291 3.17 -5.15 -8.02
N ASN B 292 3.22 -4.05 -7.28
CA ASN B 292 4.36 -3.75 -6.44
C ASN B 292 4.11 -4.16 -5.00
N GLU B 293 5.20 -4.35 -4.26
CA GLU B 293 5.16 -4.75 -2.85
C GLU B 293 3.95 -4.16 -2.13
N GLN B 294 3.98 -2.85 -1.88
CA GLN B 294 2.90 -2.20 -1.17
C GLN B 294 1.52 -2.67 -1.58
N THR B 295 1.24 -2.60 -2.88
CA THR B 295 -0.06 -3.02 -3.37
C THR B 295 -0.47 -4.39 -2.80
N GLN B 296 0.32 -5.42 -3.11
CA GLN B 296 -0.01 -6.73 -2.59
C GLN B 296 -0.31 -6.60 -1.09
N ALA B 297 0.49 -5.80 -0.39
CA ALA B 297 0.28 -5.59 1.04
C ALA B 297 -1.13 -5.07 1.25
N MET B 298 -1.43 -3.98 0.56
CA MET B 298 -2.74 -3.37 0.61
C MET B 298 -3.73 -4.51 0.39
N CYS B 299 -3.53 -5.28 -0.67
CA CYS B 299 -4.41 -6.41 -0.99
C CYS B 299 -4.63 -7.37 0.17
N PHE B 300 -3.55 -7.96 0.67
CA PHE B 300 -3.67 -8.87 1.80
C PHE B 300 -4.49 -8.22 2.90
N MET B 301 -4.17 -6.95 3.20
CA MET B 301 -4.90 -6.23 4.22
C MET B 301 -6.36 -6.20 3.83
N ALA B 302 -6.60 -5.83 2.58
CA ALA B 302 -7.94 -5.74 2.02
C ALA B 302 -8.78 -6.98 2.31
N GLY B 303 -8.13 -8.14 2.37
CA GLY B 303 -8.87 -9.35 2.64
C GLY B 303 -8.29 -10.50 1.87
N ALA B 304 -7.57 -10.18 0.79
CA ALA B 304 -6.95 -11.19 -0.06
C ALA B 304 -6.14 -12.14 0.80
N ASN B 305 -6.37 -13.44 0.66
CA ASN B 305 -5.62 -14.38 1.48
C ASN B 305 -5.25 -15.66 0.77
N SER B 306 -5.00 -15.59 -0.52
CA SER B 306 -4.57 -16.75 -1.28
C SER B 306 -3.81 -16.25 -2.48
N ILE B 307 -2.84 -17.01 -2.94
CA ILE B 307 -2.07 -16.58 -4.10
C ILE B 307 -1.57 -17.76 -4.88
N PHE B 308 -1.08 -17.47 -6.07
CA PHE B 308 -0.48 -18.50 -6.88
C PHE B 308 0.99 -18.27 -6.62
N TYR B 309 1.68 -19.34 -6.27
CA TYR B 309 3.09 -19.32 -5.91
C TYR B 309 3.94 -20.00 -6.97
N GLY B 310 4.85 -19.24 -7.60
CA GLY B 310 5.71 -19.84 -8.62
C GLY B 310 6.22 -18.95 -9.73
N CYS B 311 7.08 -19.49 -10.60
CA CYS B 311 7.66 -18.74 -11.71
C CYS B 311 6.59 -18.27 -12.68
N LYS B 312 5.69 -19.19 -13.02
CA LYS B 312 4.61 -18.89 -13.93
C LYS B 312 3.36 -19.64 -13.49
N LEU B 313 2.22 -19.16 -13.97
CA LEU B 313 0.94 -19.77 -13.67
C LEU B 313 0.51 -20.60 -14.86
N LEU B 314 -0.26 -20.01 -15.77
CA LEU B 314 -0.71 -20.74 -16.94
C LEU B 314 0.16 -20.46 -18.15
N THR B 315 0.45 -19.19 -18.41
CA THR B 315 1.28 -18.83 -19.55
C THR B 315 1.98 -17.50 -19.43
N THR B 316 1.61 -16.71 -18.43
CA THR B 316 2.26 -15.41 -18.24
C THR B 316 3.25 -15.51 -17.09
N PRO B 317 4.01 -14.43 -16.84
CA PRO B 317 4.99 -14.44 -15.76
C PRO B 317 4.36 -14.29 -14.36
N ASN B 318 5.03 -14.86 -13.36
CA ASN B 318 4.57 -14.77 -11.97
C ASN B 318 5.78 -14.53 -11.05
N PRO B 319 5.58 -13.80 -9.94
CA PRO B 319 6.67 -13.52 -9.00
C PRO B 319 7.37 -14.80 -8.52
N GLU B 320 8.69 -14.81 -8.58
CA GLU B 320 9.49 -15.98 -8.19
C GLU B 320 9.43 -16.37 -6.72
N GLU B 321 9.29 -17.67 -6.47
CA GLU B 321 9.18 -18.25 -5.13
C GLU B 321 9.89 -17.44 -4.04
N ASP B 322 11.16 -17.12 -4.27
CA ASP B 322 11.91 -16.35 -3.29
C ASP B 322 11.24 -15.01 -3.03
N LYS B 323 11.15 -14.17 -4.06
CA LYS B 323 10.54 -12.86 -3.88
C LYS B 323 9.26 -13.00 -3.06
N ASP B 324 8.46 -14.03 -3.39
CA ASP B 324 7.21 -14.29 -2.68
C ASP B 324 7.48 -14.57 -1.21
N LEU B 325 8.30 -15.58 -0.97
CA LEU B 325 8.68 -15.98 0.38
C LEU B 325 9.21 -14.80 1.14
N GLN B 326 10.05 -14.01 0.48
CA GLN B 326 10.63 -12.85 1.12
C GLN B 326 9.55 -11.85 1.53
N LEU B 327 8.66 -11.48 0.62
CA LEU B 327 7.60 -10.53 0.99
C LEU B 327 6.73 -11.13 2.07
N PHE B 328 6.47 -12.42 1.94
CA PHE B 328 5.66 -13.09 2.93
C PHE B 328 6.15 -12.79 4.34
N ARG B 329 7.48 -12.75 4.51
CA ARG B 329 8.01 -12.48 5.85
C ARG B 329 8.01 -11.00 6.17
N LYS B 330 8.44 -10.15 5.23
CA LYS B 330 8.45 -8.71 5.52
C LYS B 330 7.14 -8.32 6.20
N LEU B 331 6.03 -8.83 5.66
CA LEU B 331 4.71 -8.52 6.21
C LEU B 331 4.41 -9.41 7.38
N GLY B 332 5.16 -10.49 7.47
CA GLY B 332 4.98 -11.42 8.57
C GLY B 332 3.86 -12.42 8.38
N LEU B 333 3.87 -13.07 7.24
CA LEU B 333 2.83 -14.01 6.97
C LEU B 333 3.39 -15.41 6.95
N ASN B 334 2.73 -16.30 7.69
CA ASN B 334 3.10 -17.70 7.74
C ASN B 334 4.32 -18.13 8.58
N PRO B 335 4.42 -19.43 8.85
CA PRO B 335 5.48 -20.11 9.60
C PRO B 335 6.17 -20.94 8.53
N GLN B 336 6.57 -20.27 7.46
CA GLN B 336 7.22 -20.91 6.32
C GLN B 336 8.58 -20.21 6.16
N GLN B 337 9.32 -20.12 7.27
CA GLN B 337 10.62 -19.47 7.28
C GLN B 337 11.76 -20.44 7.60
N THR B 338 12.71 -20.53 6.67
CA THR B 338 13.86 -21.41 6.84
C THR B 338 15.12 -20.73 6.30
N SAM C . 18.15 24.87 10.10
CA SAM C . 17.18 24.14 10.95
C SAM C . 17.87 23.69 12.23
O SAM C . 18.77 22.82 12.13
OXT SAM C . 17.46 24.20 13.30
CB SAM C . 16.71 22.89 10.22
CG SAM C . 16.03 23.25 8.91
SD SAM C . 15.73 21.66 8.12
CE SAM C . 14.97 21.90 6.49
C5' SAM C . 14.62 20.65 9.16
C4' SAM C . 14.76 19.16 8.86
O4' SAM C . 14.71 18.89 7.46
C3' SAM C . 16.14 18.67 9.18
O3' SAM C . 16.42 18.66 10.59
C2' SAM C . 16.05 17.28 8.58
O2' SAM C . 15.37 16.41 9.49
C1' SAM C . 15.19 17.52 7.33
N9 SAM C . 15.97 17.45 6.08
C8 SAM C . 16.61 18.46 5.50
N7 SAM C . 17.22 18.02 4.40
C5 SAM C . 16.96 16.73 4.28
C6 SAM C . 17.32 15.76 3.37
N6 SAM C . 18.08 16.08 2.33
N1 SAM C . 16.89 14.49 3.53
C2 SAM C . 16.12 14.16 4.58
N3 SAM C . 15.76 15.09 5.48
C4 SAM C . 16.17 16.37 5.35
FE1 SF4 D . 21.91 20.89 9.64
FE2 SF4 D . 19.26 22.84 9.66
FE3 SF4 D . 20.72 22.05 7.11
FE4 SF4 D . 21.89 23.84 8.76
S1 SF4 D . 19.84 24.04 7.80
S2 SF4 D . 22.85 21.97 7.90
S3 SF4 D . 21.29 22.82 10.69
S4 SF4 D . 19.80 20.80 8.77
FE1 FES E . 6.07 20.81 11.03
FE2 FES E . 5.83 23.93 10.16
S1 FES E . 4.69 22.52 11.44
S2 FES E . 7.24 22.23 9.77
CN DTB F . 10.92 18.57 8.15
O DTB F . 10.98 17.66 8.97
N2 DTB F . 11.32 18.45 6.90
CR DTB F . 11.14 19.71 6.13
CS DTB F . 10.50 20.62 7.25
N1 DTB F . 10.45 19.74 8.43
CT DTB F . 11.25 21.91 7.57
CE DTB F . 12.53 20.21 5.67
CD DTB F . 12.92 19.66 4.29
CG DTB F . 13.19 18.15 4.29
CB DTB F . 13.53 17.61 2.88
CA DTB F . 14.93 18.01 2.36
C DTB F . 15.06 19.49 1.95
OI1 DTB F . 14.90 20.35 2.84
OI2 DTB F . 15.35 19.72 0.75
C TRS G . 8.92 15.51 -10.74
C1 TRS G . 8.14 15.62 -9.41
C2 TRS G . 8.68 14.14 -11.38
C3 TRS G . 10.41 15.71 -10.47
N TRS G . 8.45 16.57 -11.66
O1 TRS G . 6.77 15.96 -9.67
O2 TRS G . 9.15 13.09 -10.52
O3 TRS G . 10.65 17.03 -9.98
N SAM H . -10.67 -22.95 -20.08
CA SAM H . -11.15 -22.62 -18.72
C SAM H . -12.65 -22.37 -18.77
O SAM H . -13.08 -21.64 -19.69
OXT SAM H . -13.34 -22.90 -17.87
CB SAM H . -10.47 -21.36 -18.23
CG SAM H . -8.97 -21.58 -18.12
SD SAM H . -8.24 -20.01 -17.57
CE SAM H . -6.51 -20.29 -17.08
C5' SAM H . -9.18 -19.38 -16.13
C4' SAM H . -9.24 -17.84 -16.05
O4' SAM H . -7.95 -17.23 -16.08
C3' SAM H . -9.91 -17.20 -17.24
O3' SAM H . -11.32 -17.50 -17.36
C2' SAM H . -9.65 -15.75 -16.93
O2' SAM H . -10.58 -15.30 -15.94
C1' SAM H . -8.21 -15.80 -16.34
N9 SAM H . -7.18 -15.34 -17.33
C8 SAM H . -6.63 -16.08 -18.29
N7 SAM H . -5.77 -15.32 -18.99
C5 SAM H . -5.78 -14.12 -18.46
C6 SAM H . -5.10 -12.93 -18.76
N6 SAM H . -4.26 -12.90 -19.77
N1 SAM H . -5.34 -11.83 -17.99
C2 SAM H . -6.20 -11.86 -16.97
N3 SAM H . -6.86 -12.99 -16.68
C4 SAM H . -6.67 -14.12 -17.41
FE1 SF4 I . -11.37 -18.32 -22.75
FE2 SF4 I . -10.24 -20.59 -20.69
FE3 SF4 I . -8.51 -19.02 -22.70
FE4 SF4 I . -10.17 -20.92 -23.95
S1 SF4 I . -8.66 -21.26 -22.24
S2 SF4 I . -9.92 -18.70 -24.46
S3 SF4 I . -11.82 -20.55 -22.38
S4 SF4 I . -9.90 -18.34 -21.00
FE1 FES J . -8.72 -21.44 -7.51
FE2 FES J . -7.28 -24.29 -8.30
S1 FES J . -8.38 -23.46 -6.56
S2 FES J . -7.59 -22.28 -9.23
CN DTB K . -7.76 -17.58 -12.28
O DTB K . -8.66 -16.78 -12.01
N2 DTB K . -6.57 -17.24 -12.73
CR DTB K . -5.71 -18.43 -12.99
CS DTB K . -6.66 -19.60 -12.50
N1 DTB K . -7.90 -18.88 -12.13
CT DTB K . -6.94 -20.73 -13.52
CE DTB K . -5.41 -18.53 -14.51
CD DTB K . -4.28 -17.59 -14.97
CG DTB K . -4.70 -16.12 -14.96
CB DTB K . -3.60 -15.21 -15.52
CA DTB K . -3.40 -15.33 -17.06
C DTB K . -2.79 -16.67 -17.49
OI1 DTB K . -3.54 -17.67 -17.48
OI2 DTB K . -1.60 -16.66 -17.85
#